data_6ZXA
#
_entry.id   6ZXA
#
_cell.length_a   1.00
_cell.length_b   1.00
_cell.length_c   1.00
_cell.angle_alpha   90.00
_cell.angle_beta   90.00
_cell.angle_gamma   90.00
#
_symmetry.space_group_name_H-M   'P 1'
#
loop_
_entity.id
_entity.type
_entity.pdbx_description
1 polymer 'LHC domain-containing protein'
2 polymer 'Light-harvesting protein B:800-850 subunit beta'
3 non-polymer 'BACTERIOCHLOROPHYLL A'
4 non-polymer 9-cis-okenone
5 non-polymer 'all-trans okenone'
#
loop_
_entity_poly.entity_id
_entity_poly.type
_entity_poly.pdbx_seq_one_letter_code
_entity_poly.pdbx_strand_id
1 'polypeptide(L)' MKVPVMMADESIATINHPEDDWKIWTVINPATWMVPFFGILFVQMWLIHSYALSLPGYGFKDSVRVAQPA A,C,E,G,I,K,M
2 'polypeptide(L)' ADPKAANLSGLTDAQAKEFHEHWKHGVWSWVMIASAVHVVTWIYQPWF B,D,F,H,J,L,N
#
# COMPACT_ATOMS: atom_id res chain seq x y z
N LYS A 2 4.82 29.25 -22.43
CA LYS A 2 3.65 30.09 -22.19
C LYS A 2 3.64 30.60 -20.76
N VAL A 3 3.08 31.78 -20.55
CA VAL A 3 2.97 32.33 -19.20
C VAL A 3 1.50 32.52 -18.90
N PRO A 4 0.87 31.60 -18.18
CA PRO A 4 -0.54 31.77 -17.85
C PRO A 4 -0.71 32.54 -16.55
N VAL A 5 -1.84 33.21 -16.44
CA VAL A 5 -2.10 34.05 -15.27
C VAL A 5 -2.41 33.15 -14.09
N MET A 6 -1.77 33.42 -12.96
CA MET A 6 -1.85 32.52 -11.81
C MET A 6 -2.14 33.24 -10.50
N MET A 7 -3.41 33.55 -10.23
CA MET A 7 -3.99 33.52 -8.87
C MET A 7 -2.97 33.77 -7.75
N ALA A 8 -2.50 35.01 -7.65
CA ALA A 8 -1.65 35.45 -6.54
C ALA A 8 -0.23 34.92 -6.66
N ASP A 9 0.26 34.80 -7.90
CA ASP A 9 1.69 34.74 -8.16
C ASP A 9 2.28 36.11 -7.83
N GLU A 10 3.51 36.14 -7.35
CA GLU A 10 4.22 37.40 -7.29
C GLU A 10 5.40 37.24 -8.24
N SER A 11 5.66 38.28 -9.04
CA SER A 11 6.21 38.08 -10.38
C SER A 11 7.73 38.16 -10.43
N ILE A 12 8.44 37.86 -9.33
CA ILE A 12 9.89 37.84 -9.41
C ILE A 12 10.35 36.66 -10.25
N ALA A 13 9.77 35.48 -10.01
CA ALA A 13 10.08 34.29 -10.78
C ALA A 13 9.01 34.10 -11.85
N THR A 14 9.39 34.25 -13.11
CA THR A 14 8.50 33.97 -14.22
C THR A 14 8.55 32.49 -14.55
N ILE A 15 7.43 31.95 -15.02
CA ILE A 15 7.27 30.51 -15.09
C ILE A 15 7.55 30.00 -16.49
N ASN A 16 6.74 30.39 -17.47
CA ASN A 16 7.01 30.07 -18.88
C ASN A 16 7.24 28.57 -19.08
N HIS A 17 6.21 27.81 -18.83
CA HIS A 17 6.66 26.49 -18.45
C HIS A 17 7.01 25.47 -19.53
N PRO A 18 6.26 25.33 -20.63
CA PRO A 18 6.62 24.28 -21.61
C PRO A 18 8.12 24.25 -21.87
N GLU A 19 8.74 25.43 -21.82
CA GLU A 19 10.19 25.56 -21.88
C GLU A 19 10.85 25.21 -20.55
N ASP A 20 10.23 25.57 -19.43
CA ASP A 20 10.81 25.31 -18.12
C ASP A 20 10.26 24.06 -17.47
N ASP A 21 9.96 23.03 -18.26
CA ASP A 21 9.95 21.67 -17.74
C ASP A 21 11.42 21.37 -17.48
N TRP A 22 11.81 20.13 -17.31
CA TRP A 22 13.20 19.73 -17.01
C TRP A 22 13.58 20.25 -15.65
N LYS A 23 12.82 21.23 -15.16
CA LYS A 23 13.10 21.87 -13.89
C LYS A 23 12.38 21.17 -12.77
N ILE A 24 11.33 20.42 -13.09
CA ILE A 24 10.71 19.53 -12.11
C ILE A 24 11.73 18.52 -11.60
N TRP A 25 12.68 18.13 -12.45
CA TRP A 25 13.70 17.18 -12.03
C TRP A 25 14.75 17.82 -11.13
N THR A 26 14.64 19.10 -10.80
CA THR A 26 15.43 19.68 -9.74
C THR A 26 14.77 19.52 -8.38
N VAL A 27 13.52 19.06 -8.34
CA VAL A 27 12.83 18.71 -7.12
C VAL A 27 12.64 17.21 -7.01
N ILE A 28 12.15 16.58 -8.07
CA ILE A 28 11.90 15.16 -8.09
C ILE A 28 13.17 14.46 -8.56
N ASN A 29 13.79 13.69 -7.67
CA ASN A 29 14.94 12.87 -8.04
C ASN A 29 14.42 11.61 -8.71
N PRO A 30 14.68 11.41 -9.99
CA PRO A 30 14.12 10.23 -10.67
C PRO A 30 14.76 8.92 -10.25
N ALA A 31 15.88 8.94 -9.55
CA ALA A 31 16.42 7.69 -9.05
C ALA A 31 15.61 7.14 -7.89
N THR A 32 14.93 8.00 -7.15
CA THR A 32 14.08 7.53 -6.07
C THR A 32 12.61 7.44 -6.48
N TRP A 33 12.17 8.30 -7.38
CA TRP A 33 10.85 8.19 -7.96
C TRP A 33 10.94 7.54 -9.32
N MET A 34 9.85 7.59 -10.05
CA MET A 34 9.73 7.11 -11.42
C MET A 34 9.62 5.60 -11.57
N VAL A 35 10.05 4.82 -10.58
CA VAL A 35 9.54 3.46 -10.49
C VAL A 35 8.22 3.53 -9.73
N PRO A 36 8.13 4.30 -8.63
CA PRO A 36 6.79 4.58 -8.08
C PRO A 36 5.85 5.25 -9.08
N PHE A 37 6.35 6.18 -9.90
CA PHE A 37 5.48 6.79 -10.89
C PHE A 37 5.06 5.77 -11.94
N PHE A 38 5.96 4.86 -12.31
CA PHE A 38 5.57 3.80 -13.23
C PHE A 38 4.53 2.88 -12.60
N GLY A 39 4.61 2.68 -11.28
CA GLY A 39 3.56 1.92 -10.60
C GLY A 39 2.22 2.62 -10.65
N ILE A 40 2.24 3.94 -10.49
CA ILE A 40 1.02 4.73 -10.69
C ILE A 40 0.48 4.54 -12.10
N LEU A 41 1.36 4.58 -13.10
CA LEU A 41 0.93 4.38 -14.47
C LEU A 41 0.35 2.99 -14.68
N PHE A 42 0.93 1.98 -14.03
CA PHE A 42 0.40 0.62 -14.08
C PHE A 42 -0.99 0.54 -13.47
N VAL A 43 -1.21 1.23 -12.34
CA VAL A 43 -2.54 1.25 -11.73
C VAL A 43 -3.54 1.91 -12.67
N GLN A 44 -3.16 3.03 -13.27
CA GLN A 44 -4.01 3.69 -14.26
C GLN A 44 -4.33 2.75 -15.41
N MET A 45 -3.31 2.04 -15.91
CA MET A 45 -3.50 1.08 -16.97
C MET A 45 -4.52 0.01 -16.58
N TRP A 46 -4.38 -0.55 -15.38
CA TRP A 46 -5.31 -1.59 -14.93
C TRP A 46 -6.74 -1.04 -14.81
N LEU A 47 -6.89 0.17 -14.30
CA LEU A 47 -8.23 0.71 -14.08
C LEU A 47 -8.91 1.04 -15.40
N ILE A 48 -8.20 1.69 -16.32
CA ILE A 48 -8.78 1.98 -17.62
C ILE A 48 -9.06 0.68 -18.36
N HIS A 49 -8.27 -0.36 -18.14
CA HIS A 49 -8.58 -1.63 -18.80
C HIS A 49 -9.80 -2.30 -18.22
N SER A 50 -9.95 -2.30 -16.89
CA SER A 50 -11.18 -2.84 -16.30
C SER A 50 -12.39 -2.13 -16.88
N TYR A 51 -12.34 -0.81 -16.96
CA TYR A 51 -13.43 -0.05 -17.53
C TYR A 51 -13.69 -0.42 -18.98
N ALA A 52 -12.65 -0.39 -19.81
CA ALA A 52 -12.84 -0.64 -21.24
C ALA A 52 -13.33 -2.06 -21.51
N LEU A 53 -12.73 -3.04 -20.83
CA LEU A 53 -13.16 -4.43 -20.98
C LEU A 53 -14.59 -4.62 -20.51
N SER A 54 -15.07 -3.80 -19.58
CA SER A 54 -16.48 -3.88 -19.20
C SER A 54 -17.42 -3.27 -20.24
N LEU A 55 -16.90 -2.50 -21.18
CA LEU A 55 -17.75 -1.92 -22.21
C LEU A 55 -18.13 -2.96 -23.26
N PRO A 56 -19.34 -2.88 -23.82
CA PRO A 56 -19.83 -3.95 -24.71
C PRO A 56 -19.04 -4.02 -26.00
N GLY A 57 -18.53 -5.20 -26.31
CA GLY A 57 -17.81 -5.45 -27.53
C GLY A 57 -16.31 -5.56 -27.39
N TYR A 58 -15.74 -4.99 -26.33
CA TYR A 58 -14.30 -5.00 -26.16
C TYR A 58 -13.86 -6.18 -25.31
N GLY A 59 -12.63 -6.61 -25.54
CA GLY A 59 -12.17 -7.74 -24.79
C GLY A 59 -12.72 -9.05 -25.33
N PHE A 60 -12.76 -10.05 -24.46
CA PHE A 60 -13.05 -11.42 -24.88
C PHE A 60 -14.17 -12.05 -24.08
N LYS A 61 -15.03 -11.25 -23.45
CA LYS A 61 -16.09 -11.83 -22.64
C LYS A 61 -17.17 -12.49 -23.50
N ASP A 62 -17.31 -12.10 -24.77
CA ASP A 62 -18.34 -12.65 -25.64
C ASP A 62 -17.76 -13.33 -26.87
N SER A 63 -16.47 -13.64 -26.87
CA SER A 63 -15.82 -14.13 -28.09
C SER A 63 -14.92 -15.32 -27.83
N VAL A 64 -15.14 -16.05 -26.74
CA VAL A 64 -14.16 -17.05 -26.31
C VAL A 64 -14.01 -18.15 -27.35
N ARG A 65 -15.11 -18.58 -27.93
CA ARG A 65 -15.06 -19.54 -29.04
C ARG A 65 -15.79 -18.94 -30.24
N VAL A 66 -15.02 -18.48 -31.22
CA VAL A 66 -15.58 -17.88 -32.42
C VAL A 66 -15.25 -18.74 -33.63
N ALA A 67 -13.95 -18.90 -33.91
CA ALA A 67 -13.52 -19.60 -35.12
C ALA A 67 -12.06 -19.97 -35.05
N GLN A 68 -11.51 -20.45 -36.16
CA GLN A 68 -10.12 -20.87 -36.28
C GLN A 68 -9.56 -21.57 -35.04
N PRO A 69 -10.26 -22.56 -34.49
CA PRO A 69 -9.84 -23.15 -33.23
C PRO A 69 -8.65 -24.09 -33.40
N ALA A 70 -8.13 -24.54 -32.27
CA ALA A 70 -7.01 -25.48 -32.27
C ALA A 70 -7.21 -26.56 -31.23
N ALA B 5 21.96 25.47 -7.59
CA ALA B 5 22.42 25.90 -6.27
C ALA B 5 21.87 24.98 -5.18
N ALA B 6 22.42 23.76 -5.12
CA ALA B 6 21.94 22.72 -4.20
C ALA B 6 20.44 22.50 -4.38
N ASN B 7 20.09 22.00 -5.57
CA ASN B 7 18.71 21.70 -5.90
C ASN B 7 18.13 20.67 -4.94
N LEU B 8 16.81 20.71 -4.77
CA LEU B 8 16.14 19.85 -3.79
C LEU B 8 16.25 18.37 -4.16
N SER B 9 16.26 18.05 -5.45
CA SER B 9 16.40 16.66 -5.87
C SER B 9 17.83 16.15 -5.77
N GLY B 10 18.80 17.03 -5.56
CA GLY B 10 20.18 16.63 -5.64
C GLY B 10 20.74 16.52 -7.04
N LEU B 11 19.97 16.92 -8.04
CA LEU B 11 20.41 16.92 -9.43
C LEU B 11 20.90 18.32 -9.80
N THR B 12 21.95 18.37 -10.63
CA THR B 12 22.34 19.64 -11.20
C THR B 12 21.39 20.00 -12.34
N ASP B 13 21.47 21.26 -12.79
CA ASP B 13 20.63 21.68 -13.90
C ASP B 13 20.96 20.90 -15.17
N ALA B 14 22.23 20.57 -15.38
CA ALA B 14 22.61 19.81 -16.56
C ALA B 14 22.06 18.39 -16.48
N GLN B 15 22.22 17.75 -15.32
CA GLN B 15 21.62 16.44 -15.10
C GLN B 15 20.11 16.49 -15.32
N ALA B 16 19.45 17.53 -14.82
CA ALA B 16 18.01 17.65 -14.98
C ALA B 16 17.62 17.76 -16.45
N LYS B 17 18.35 18.55 -17.23
CA LYS B 17 18.02 18.71 -18.65
C LYS B 17 18.26 17.42 -19.43
N GLU B 18 19.36 16.73 -19.16
CA GLU B 18 19.63 15.46 -19.83
C GLU B 18 18.55 14.43 -19.49
N PHE B 19 18.21 14.33 -18.21
CA PHE B 19 17.15 13.41 -17.83
C PHE B 19 15.85 13.77 -18.52
N HIS B 20 15.55 15.07 -18.63
CA HIS B 20 14.30 15.46 -19.25
C HIS B 20 14.26 15.07 -20.72
N GLU B 21 15.41 15.11 -21.40
CA GLU B 21 15.46 14.56 -22.76
C GLU B 21 15.02 13.10 -22.76
N HIS B 22 15.59 12.30 -21.87
CA HIS B 22 15.19 10.89 -21.83
C HIS B 22 13.71 10.73 -21.47
N TRP B 23 13.21 11.55 -20.56
CA TRP B 23 11.83 11.44 -20.11
C TRP B 23 10.87 11.81 -21.20
N LYS B 24 11.20 12.86 -21.97
CA LYS B 24 10.37 13.23 -23.10
C LYS B 24 10.34 12.12 -24.14
N HIS B 25 11.48 11.46 -24.35
CA HIS B 25 11.47 10.31 -25.24
C HIS B 25 10.48 9.25 -24.77
N GLY B 26 10.54 8.90 -23.49
CA GLY B 26 9.62 7.91 -22.95
C GLY B 26 8.16 8.34 -23.09
N VAL B 27 7.87 9.58 -22.72
CA VAL B 27 6.51 10.10 -22.77
C VAL B 27 5.98 10.03 -24.19
N TRP B 28 6.77 10.49 -25.16
CA TRP B 28 6.27 10.54 -26.53
C TRP B 28 6.12 9.15 -27.12
N SER B 29 7.03 8.23 -26.81
CA SER B 29 6.85 6.86 -27.27
C SER B 29 5.54 6.29 -26.74
N TRP B 30 5.29 6.46 -25.44
CA TRP B 30 4.06 5.96 -24.84
C TRP B 30 2.83 6.60 -25.48
N VAL B 31 2.89 7.92 -25.72
CA VAL B 31 1.77 8.62 -26.32
C VAL B 31 1.48 8.12 -27.73
N MET B 32 2.53 7.95 -28.53
CA MET B 32 2.33 7.55 -29.92
C MET B 32 1.80 6.13 -30.02
N ILE B 33 2.34 5.20 -29.22
CA ILE B 33 1.83 3.84 -29.26
C ILE B 33 0.38 3.80 -28.78
N ALA B 34 0.07 4.55 -27.72
CA ALA B 34 -1.32 4.60 -27.26
C ALA B 34 -2.24 5.17 -28.32
N SER B 35 -1.78 6.17 -29.07
CA SER B 35 -2.59 6.75 -30.13
C SER B 35 -2.86 5.73 -31.22
N ALA B 36 -1.84 4.98 -31.61
CA ALA B 36 -2.04 3.94 -32.61
C ALA B 36 -3.06 2.91 -32.14
N VAL B 37 -2.91 2.42 -30.91
CA VAL B 37 -3.84 1.41 -30.41
C VAL B 37 -5.24 1.99 -30.30
N HIS B 38 -5.37 3.28 -30.00
CA HIS B 38 -6.69 3.91 -29.94
C HIS B 38 -7.32 3.98 -31.31
N VAL B 39 -6.55 4.35 -32.33
CA VAL B 39 -7.08 4.38 -33.69
C VAL B 39 -7.57 3.00 -34.09
N VAL B 40 -6.80 1.98 -33.76
CA VAL B 40 -7.20 0.61 -34.10
C VAL B 40 -8.47 0.22 -33.35
N THR B 41 -8.55 0.57 -32.07
CA THR B 41 -9.74 0.25 -31.28
C THR B 41 -10.97 0.97 -31.81
N TRP B 42 -10.80 2.23 -32.20
CA TRP B 42 -11.91 3.01 -32.72
C TRP B 42 -12.40 2.43 -34.05
N ILE B 43 -11.46 2.04 -34.91
CA ILE B 43 -11.84 1.35 -36.14
C ILE B 43 -12.65 0.10 -35.82
N TYR B 44 -12.18 -0.68 -34.85
CA TYR B 44 -12.94 -1.86 -34.45
C TYR B 44 -14.29 -1.49 -33.86
N GLN B 45 -14.33 -0.50 -32.98
CA GLN B 45 -15.57 -0.06 -32.36
C GLN B 45 -15.39 1.33 -31.76
N PRO B 46 -16.25 2.28 -32.09
CA PRO B 46 -15.95 3.68 -31.77
C PRO B 46 -16.15 4.08 -30.30
N TRP B 47 -16.98 3.38 -29.54
CA TRP B 47 -17.25 3.69 -28.12
C TRP B 47 -17.93 5.05 -27.93
N PHE B 48 -18.11 5.80 -29.01
CA PHE B 48 -19.12 6.87 -29.09
C PHE B 48 -19.19 7.42 -30.50
N LYS C 2 17.09 2.26 -32.86
CA LYS C 2 16.21 3.10 -33.67
C LYS C 2 16.12 4.50 -33.09
N VAL C 3 15.94 5.49 -33.94
CA VAL C 3 15.80 6.86 -33.48
C VAL C 3 14.42 7.36 -33.90
N PRO C 4 13.43 7.34 -33.01
CA PRO C 4 12.11 7.84 -33.38
C PRO C 4 11.99 9.32 -33.12
N VAL C 5 11.11 9.96 -33.89
CA VAL C 5 10.94 11.39 -33.78
C VAL C 5 10.18 11.71 -32.49
N MET C 6 10.69 12.67 -31.73
CA MET C 6 10.16 12.93 -30.40
C MET C 6 9.90 14.41 -30.14
N MET C 7 8.76 14.94 -30.59
CA MET C 7 8.00 15.98 -29.88
C MET C 7 8.84 16.88 -28.99
N ALA C 8 9.65 17.73 -29.60
CA ALA C 8 10.41 18.77 -28.89
C ALA C 8 11.60 18.18 -28.15
N ASP C 9 12.22 17.15 -28.71
CA ASP C 9 13.58 16.79 -28.36
C ASP C 9 14.51 17.87 -28.87
N GLU C 10 15.60 18.14 -28.17
CA GLU C 10 16.65 18.96 -28.75
C GLU C 10 17.85 18.03 -28.88
N SER C 11 18.54 18.11 -30.02
CA SER C 11 19.21 16.93 -30.56
C SER C 11 20.67 16.81 -30.14
N ILE C 12 21.05 17.35 -29.00
CA ILE C 12 22.43 17.15 -28.54
C ILE C 12 22.63 15.70 -28.14
N ALA C 13 21.69 15.15 -27.37
CA ALA C 13 21.74 13.75 -26.96
C ALA C 13 20.84 12.95 -27.89
N THR C 14 21.45 12.07 -28.68
CA THR C 14 20.69 11.14 -29.52
C THR C 14 20.34 9.91 -28.70
N ILE C 15 19.20 9.31 -29.01
CA ILE C 15 18.62 8.32 -28.12
C ILE C 15 18.94 6.90 -28.60
N ASN C 16 18.46 6.51 -29.78
CA ASN C 16 18.83 5.23 -30.39
C ASN C 16 18.62 4.07 -29.42
N HIS C 17 17.38 3.85 -29.08
CA HIS C 17 17.34 3.20 -27.78
C HIS C 17 17.52 1.70 -27.66
N PRO C 18 16.95 0.85 -28.53
CA PRO C 18 17.12 -0.59 -28.34
C PRO C 18 18.56 -0.95 -27.99
N GLU C 19 19.50 -0.19 -28.56
CA GLU C 19 20.91 -0.28 -28.20
C GLU C 19 21.20 0.41 -26.88
N ASP C 20 20.55 1.53 -26.60
CA ASP C 20 20.81 2.28 -25.38
C ASP C 20 19.81 1.98 -24.29
N ASP C 21 19.33 0.74 -24.20
CA ASP C 21 18.82 0.23 -22.94
C ASP C 21 20.07 0.09 -22.07
N TRP C 22 20.03 -0.65 -20.98
CA TRP C 22 21.15 -0.82 -20.06
C TRP C 22 21.46 0.51 -19.39
N LYS C 23 20.98 1.57 -20.00
CA LYS C 23 21.24 2.92 -19.52
C LYS C 23 20.17 3.36 -18.54
N ILE C 24 19.01 2.72 -18.59
CA ILE C 24 17.99 2.91 -17.56
C ILE C 24 18.55 2.53 -16.19
N TRP C 25 19.45 1.55 -16.17
CA TRP C 25 20.06 1.14 -14.91
C TRP C 25 21.10 2.13 -14.39
N THR C 26 21.33 3.23 -15.10
CA THR C 26 22.09 4.34 -14.54
C THR C 26 21.20 5.30 -13.77
N VAL C 27 19.89 5.13 -13.85
CA VAL C 27 18.94 5.88 -13.03
C VAL C 27 18.28 4.98 -12.01
N ILE C 28 17.80 3.82 -12.44
CA ILE C 28 17.13 2.88 -11.56
C ILE C 28 18.18 1.95 -10.97
N ASN C 29 18.39 2.04 -9.66
CA ASN C 29 19.26 1.12 -8.97
C ASN C 29 18.50 -0.16 -8.71
N PRO C 30 18.88 -1.29 -9.33
CA PRO C 30 18.10 -2.51 -9.15
C PRO C 30 18.22 -3.13 -7.76
N ALA C 31 19.18 -2.70 -6.94
CA ALA C 31 19.23 -3.21 -5.59
C ALA C 31 18.11 -2.64 -4.73
N THR C 32 17.61 -1.45 -5.06
CA THR C 32 16.49 -0.88 -4.32
C THR C 32 15.17 -1.12 -5.02
N TRP C 33 15.16 -1.17 -6.34
CA TRP C 33 13.97 -1.54 -7.08
C TRP C 33 14.08 -3.00 -7.48
N MET C 34 13.17 -3.41 -8.36
CA MET C 34 13.14 -4.73 -8.97
C MET C 34 12.60 -5.83 -8.07
N VAL C 35 12.59 -5.65 -6.76
CA VAL C 35 11.69 -6.45 -5.93
C VAL C 35 10.36 -5.71 -5.93
N PRO C 36 10.33 -4.38 -5.77
CA PRO C 36 9.08 -3.66 -6.05
C PRO C 36 8.56 -3.86 -7.47
N PHE C 37 9.44 -3.89 -8.46
CA PHE C 37 8.97 -4.16 -9.82
C PHE C 37 8.43 -5.57 -9.96
N PHE C 38 9.05 -6.53 -9.28
CA PHE C 38 8.50 -7.88 -9.28
C PHE C 38 7.15 -7.92 -8.59
N GLY C 39 6.95 -7.09 -7.57
CA GLY C 39 5.63 -7.00 -6.96
C GLY C 39 4.59 -6.44 -7.92
N ILE C 40 4.99 -5.44 -8.71
CA ILE C 40 4.12 -4.95 -9.77
C ILE C 40 3.77 -6.08 -10.74
N LEU C 41 4.77 -6.87 -11.13
CA LEU C 41 4.51 -7.99 -12.03
C LEU C 41 3.59 -9.02 -11.40
N PHE C 42 3.72 -9.24 -10.10
CA PHE C 42 2.81 -10.14 -9.38
C PHE C 42 1.38 -9.61 -9.40
N VAL C 43 1.21 -8.30 -9.21
CA VAL C 43 -0.13 -7.71 -9.27
C VAL C 43 -0.72 -7.87 -10.66
N GLN C 44 0.08 -7.61 -11.69
CA GLN C 44 -0.35 -7.83 -13.07
C GLN C 44 -0.76 -9.28 -13.29
N MET C 45 0.04 -10.21 -12.79
CA MET C 45 -0.26 -11.62 -12.88
C MET C 45 -1.60 -11.95 -12.24
N TRP C 46 -1.84 -11.45 -11.03
CA TRP C 46 -3.09 -11.70 -10.35
C TRP C 46 -4.28 -11.13 -11.10
N LEU C 47 -4.13 -9.92 -11.66
CA LEU C 47 -5.27 -9.28 -12.33
C LEU C 47 -5.60 -9.98 -13.64
N ILE C 48 -4.58 -10.29 -14.44
CA ILE C 48 -4.83 -11.02 -15.68
C ILE C 48 -5.38 -12.40 -15.38
N HIS C 49 -4.99 -13.01 -14.25
CA HIS C 49 -5.56 -14.30 -13.92
C HIS C 49 -7.02 -14.20 -13.49
N SER C 50 -7.36 -13.20 -12.68
CA SER C 50 -8.77 -13.01 -12.34
C SER C 50 -9.60 -12.86 -13.60
N TYR C 51 -9.12 -12.04 -14.54
CA TYR C 51 -9.83 -11.85 -15.79
C TYR C 51 -9.96 -13.16 -16.56
N ALA C 52 -8.85 -13.85 -16.78
CA ALA C 52 -8.88 -15.06 -17.60
C ALA C 52 -9.72 -16.15 -16.96
N LEU C 53 -9.57 -16.36 -15.66
CA LEU C 53 -10.37 -17.35 -14.96
C LEU C 53 -11.85 -17.00 -15.00
N SER C 54 -12.20 -15.71 -15.11
CA SER C 54 -13.60 -15.36 -15.28
C SER C 54 -14.13 -15.64 -16.68
N LEU C 55 -13.27 -15.88 -17.66
CA LEU C 55 -13.73 -16.17 -19.01
C LEU C 55 -14.23 -17.61 -19.11
N PRO C 56 -15.25 -17.85 -19.92
CA PRO C 56 -15.91 -19.18 -19.93
C PRO C 56 -14.98 -20.26 -20.48
N GLY C 57 -14.82 -21.32 -19.69
CA GLY C 57 -14.03 -22.46 -20.08
C GLY C 57 -12.67 -22.56 -19.41
N TYR C 58 -12.13 -21.45 -18.92
CA TYR C 58 -10.80 -21.47 -18.33
C TYR C 58 -10.89 -21.66 -16.83
N GLY C 59 -9.83 -22.24 -16.27
CA GLY C 59 -9.86 -22.48 -14.86
C GLY C 59 -10.72 -23.68 -14.50
N PHE C 60 -11.19 -23.71 -13.27
CA PHE C 60 -11.81 -24.90 -12.70
C PHE C 60 -13.18 -24.62 -12.12
N LYS C 61 -13.84 -23.54 -12.54
CA LYS C 61 -15.15 -23.23 -11.98
C LYS C 61 -16.23 -24.20 -12.45
N ASP C 62 -16.04 -24.87 -13.59
CA ASP C 62 -17.04 -25.79 -14.12
C ASP C 62 -16.50 -27.20 -14.27
N SER C 63 -15.39 -27.54 -13.63
CA SER C 63 -14.74 -28.81 -13.87
C SER C 63 -14.30 -29.50 -12.59
N VAL C 64 -14.90 -29.15 -11.45
CA VAL C 64 -14.36 -29.59 -10.16
C VAL C 64 -14.39 -31.10 -10.04
N ARG C 65 -15.47 -31.73 -10.49
CA ARG C 65 -15.54 -33.19 -10.55
C ARG C 65 -15.85 -33.61 -11.98
N VAL C 66 -14.83 -34.11 -12.68
CA VAL C 66 -14.98 -34.55 -14.06
C VAL C 66 -14.75 -36.05 -14.15
N ALA C 67 -13.55 -36.48 -13.79
CA ALA C 67 -13.17 -37.88 -13.96
C ALA C 67 -11.91 -38.21 -13.16
N GLN C 68 -11.37 -39.41 -13.39
CA GLN C 68 -10.18 -39.90 -12.71
C GLN C 68 -10.06 -39.50 -11.24
N PRO C 69 -11.12 -39.69 -10.44
CA PRO C 69 -11.10 -39.18 -9.07
C PRO C 69 -10.25 -40.04 -8.16
N ALA C 70 -10.07 -39.55 -6.93
CA ALA C 70 -9.31 -40.27 -5.93
C ALA C 70 -10.00 -40.21 -4.57
N ALA D 5 29.69 9.21 -14.92
CA ALA D 5 30.02 10.43 -14.20
C ALA D 5 29.06 10.68 -13.05
N ALA D 6 29.18 9.88 -11.99
CA ALA D 6 28.26 9.91 -10.86
C ALA D 6 26.81 9.77 -11.33
N ASN D 7 26.53 8.59 -11.88
CA ASN D 7 25.18 8.27 -12.35
C ASN D 7 24.17 8.35 -11.22
N LEU D 8 22.92 8.62 -11.59
CA LEU D 8 21.88 8.84 -10.59
C LEU D 8 21.57 7.58 -9.79
N SER D 9 21.68 6.40 -10.40
CA SER D 9 21.46 5.17 -9.68
C SER D 9 22.61 4.78 -8.78
N GLY D 10 23.77 5.42 -8.91
CA GLY D 10 24.96 4.98 -8.22
C GLY D 10 25.66 3.81 -8.87
N LEU D 11 25.23 3.39 -10.05
CA LEU D 11 25.88 2.33 -10.80
C LEU D 11 26.81 2.92 -11.83
N THR D 12 27.95 2.26 -12.05
CA THR D 12 28.80 2.62 -13.16
C THR D 12 28.21 2.10 -14.46
N ASP D 13 28.75 2.59 -15.58
CA ASP D 13 28.28 2.12 -16.87
C ASP D 13 28.55 0.64 -17.05
N ALA D 14 29.67 0.15 -16.53
CA ALA D 14 29.97 -1.28 -16.66
C ALA D 14 29.02 -2.10 -15.81
N GLN D 15 28.76 -1.68 -14.57
CA GLN D 15 27.76 -2.33 -13.75
C GLN D 15 26.39 -2.32 -14.43
N ALA D 16 26.02 -1.20 -15.03
CA ALA D 16 24.74 -1.11 -15.72
C ALA D 16 24.65 -2.09 -16.87
N LYS D 17 25.71 -2.22 -17.67
CA LYS D 17 25.67 -3.13 -18.81
C LYS D 17 25.62 -4.60 -18.35
N GLU D 18 26.40 -4.95 -17.34
CA GLU D 18 26.36 -6.31 -16.81
C GLU D 18 24.98 -6.64 -16.25
N PHE D 19 24.41 -5.72 -15.46
CA PHE D 19 23.08 -5.95 -14.96
C PHE D 19 22.09 -6.11 -16.09
N HIS D 20 22.22 -5.31 -17.14
CA HIS D 20 21.28 -5.40 -18.24
C HIS D 20 21.36 -6.74 -18.93
N GLU D 21 22.55 -7.33 -19.01
CA GLU D 21 22.65 -8.70 -19.50
C GLU D 21 21.79 -9.64 -18.67
N HIS D 22 21.92 -9.56 -17.34
CA HIS D 22 21.10 -10.42 -16.49
C HIS D 22 19.62 -10.13 -16.65
N TRP D 23 19.26 -8.85 -16.78
CA TRP D 23 17.86 -8.47 -16.88
C TRP D 23 17.25 -8.95 -18.18
N LYS D 24 18.00 -8.86 -19.28
CA LYS D 24 17.53 -9.37 -20.55
C LYS D 24 17.32 -10.88 -20.47
N HIS D 25 18.21 -11.57 -19.77
CA HIS D 25 17.99 -13.01 -19.57
C HIS D 25 16.66 -13.26 -18.87
N GLY D 26 16.40 -12.54 -17.78
CA GLY D 26 15.14 -12.72 -17.08
C GLY D 26 13.93 -12.40 -17.94
N VAL D 27 13.99 -11.27 -18.65
CA VAL D 27 12.88 -10.85 -19.50
C VAL D 27 12.59 -11.90 -20.56
N TRP D 28 13.64 -12.39 -21.22
CA TRP D 28 13.41 -13.33 -22.31
C TRP D 28 12.92 -14.67 -21.80
N SER D 29 13.44 -15.13 -20.66
CA SER D 29 12.92 -16.37 -20.09
C SER D 29 11.43 -16.24 -19.80
N TRP D 30 11.05 -15.13 -19.16
CA TRP D 30 9.64 -14.91 -18.85
C TRP D 30 8.80 -14.85 -20.11
N VAL D 31 9.29 -14.16 -21.15
CA VAL D 31 8.56 -14.03 -22.39
C VAL D 31 8.36 -15.38 -23.06
N MET D 32 9.42 -16.19 -23.11
CA MET D 32 9.33 -17.48 -23.80
C MET D 32 8.41 -18.44 -23.09
N ILE D 33 8.50 -18.51 -21.75
CA ILE D 33 7.60 -19.39 -21.02
C ILE D 33 6.15 -18.93 -21.17
N ALA D 34 5.92 -17.62 -21.11
CA ALA D 34 4.56 -17.11 -21.30
C ALA D 34 4.05 -17.45 -22.69
N SER D 35 4.92 -17.38 -23.71
CA SER D 35 4.50 -17.70 -25.07
C SER D 35 4.11 -19.18 -25.17
N ALA D 36 4.90 -20.06 -24.56
CA ALA D 36 4.56 -21.47 -24.56
C ALA D 36 3.20 -21.71 -23.91
N VAL D 37 2.99 -21.13 -22.72
CA VAL D 37 1.73 -21.33 -22.03
C VAL D 37 0.57 -20.75 -22.82
N HIS D 38 0.81 -19.66 -23.54
CA HIS D 38 -0.24 -19.08 -24.38
C HIS D 38 -0.59 -20.00 -25.54
N VAL D 39 0.41 -20.58 -26.18
CA VAL D 39 0.14 -21.51 -27.27
C VAL D 39 -0.69 -22.68 -26.75
N VAL D 40 -0.33 -23.19 -25.57
CA VAL D 40 -1.08 -24.31 -25.01
C VAL D 40 -2.52 -23.90 -24.68
N THR D 41 -2.68 -22.70 -24.12
CA THR D 41 -4.02 -22.23 -23.79
C THR D 41 -4.86 -22.02 -25.04
N TRP D 42 -4.25 -21.49 -26.10
CA TRP D 42 -4.97 -21.27 -27.35
C TRP D 42 -5.39 -22.58 -27.97
N ILE D 43 -4.50 -23.58 -27.96
CA ILE D 43 -4.86 -24.91 -28.40
C ILE D 43 -6.07 -25.43 -27.62
N TYR D 44 -6.02 -25.27 -26.29
CA TYR D 44 -7.16 -25.68 -25.48
C TYR D 44 -8.41 -24.88 -25.81
N GLN D 45 -8.28 -23.56 -25.94
CA GLN D 45 -9.41 -22.69 -26.25
C GLN D 45 -8.90 -21.35 -26.75
N PRO D 46 -9.37 -20.88 -27.91
CA PRO D 46 -8.70 -19.73 -28.55
C PRO D 46 -9.00 -18.37 -27.95
N TRP D 47 -10.11 -18.19 -27.25
CA TRP D 47 -10.50 -16.91 -26.64
C TRP D 47 -10.74 -15.80 -27.66
N PHE D 48 -10.51 -16.10 -28.94
CA PHE D 48 -11.11 -15.36 -30.05
C PHE D 48 -10.77 -16.04 -31.37
N LYS E 2 21.87 -24.60 -17.19
CA LYS E 2 21.43 -24.55 -18.58
C LYS E 2 21.70 -23.18 -19.19
N VAL E 3 21.96 -23.14 -20.49
CA VAL E 3 22.17 -21.87 -21.17
C VAL E 3 21.10 -21.73 -22.24
N PRO E 4 20.04 -20.99 -21.97
CA PRO E 4 19.00 -20.82 -22.99
C PRO E 4 19.30 -19.63 -23.88
N VAL E 5 18.80 -19.69 -25.10
CA VAL E 5 19.06 -18.65 -26.07
C VAL E 5 18.26 -17.42 -25.70
N MET E 6 18.90 -16.25 -25.69
CA MET E 6 18.28 -15.04 -25.20
C MET E 6 18.46 -13.85 -26.12
N MET E 7 17.62 -13.72 -27.14
CA MET E 7 17.12 -12.43 -27.65
C MET E 7 18.04 -11.25 -27.40
N ALA E 8 19.16 -11.22 -28.12
CA ALA E 8 20.08 -10.08 -28.12
C ALA E 8 20.92 -10.02 -26.83
N ASP E 9 21.26 -11.19 -26.29
CA ASP E 9 22.37 -11.30 -25.36
C ASP E 9 23.66 -11.05 -26.13
N GLU E 10 24.65 -10.45 -25.50
CA GLU E 10 25.98 -10.45 -26.09
C GLU E 10 26.84 -11.27 -25.14
N SER E 11 27.69 -12.13 -25.69
CA SER E 11 28.04 -13.38 -25.03
C SER E 11 29.31 -13.28 -24.18
N ILE E 12 29.67 -12.11 -23.68
CA ILE E 12 30.82 -12.03 -22.79
C ILE E 12 30.49 -12.71 -21.47
N ALA E 13 29.32 -12.41 -20.91
CA ALA E 13 28.88 -13.04 -19.67
C ALA E 13 27.92 -14.18 -20.02
N THR E 14 28.34 -15.41 -19.73
CA THR E 14 27.49 -16.56 -19.89
C THR E 14 26.65 -16.74 -18.63
N ILE E 15 25.43 -17.26 -18.81
CA ILE E 15 24.44 -17.20 -17.75
C ILE E 15 24.39 -18.52 -16.98
N ASN E 16 24.00 -19.61 -17.64
CA ASN E 16 24.05 -20.95 -17.04
C ASN E 16 23.34 -20.97 -15.68
N HIS E 17 22.05 -20.75 -15.72
CA HIS E 17 21.62 -20.21 -14.46
C HIS E 17 21.30 -21.14 -13.29
N PRO E 18 20.63 -22.29 -13.46
CA PRO E 18 20.33 -23.11 -12.29
C PRO E 18 21.51 -23.23 -11.34
N GLU E 19 22.71 -23.23 -11.92
CA GLU E 19 23.95 -23.16 -11.16
C GLU E 19 24.24 -21.75 -10.67
N ASP E 20 23.94 -20.74 -11.48
CA ASP E 20 24.21 -19.36 -11.11
C ASP E 20 23.01 -18.64 -10.52
N ASP E 21 22.18 -19.36 -9.78
CA ASP E 21 21.35 -18.71 -8.77
C ASP E 21 22.35 -18.28 -7.71
N TRP E 22 21.89 -17.95 -6.50
CA TRP E 22 22.77 -17.49 -5.41
C TRP E 22 23.37 -16.14 -5.79
N LYS E 23 23.33 -15.83 -7.07
CA LYS E 23 23.92 -14.62 -7.60
C LYS E 23 22.90 -13.50 -7.62
N ILE E 24 21.61 -13.84 -7.59
CA ILE E 24 20.56 -12.85 -7.39
C ILE E 24 20.77 -12.15 -6.05
N TRP E 25 21.30 -12.86 -5.06
CA TRP E 25 21.55 -12.25 -3.77
C TRP E 25 22.75 -11.31 -3.77
N THR E 26 23.42 -11.13 -4.91
CA THR E 26 24.39 -10.05 -5.04
C THR E 26 23.74 -8.76 -5.50
N VAL E 27 22.46 -8.80 -5.87
CA VAL E 27 21.67 -7.61 -6.17
C VAL E 27 20.61 -7.39 -5.10
N ILE E 28 19.87 -8.43 -4.75
CA ILE E 28 18.82 -8.33 -3.75
C ILE E 28 19.43 -8.61 -2.39
N ASN E 29 19.44 -7.59 -1.53
CA ASN E 29 19.88 -7.76 -0.16
C ASN E 29 18.72 -8.35 0.63
N PRO E 30 18.83 -9.58 1.12
CA PRO E 30 17.70 -10.19 1.82
C PRO E 30 17.40 -9.58 3.18
N ALA E 31 18.31 -8.79 3.74
CA ALA E 31 17.99 -8.11 4.98
C ALA E 31 16.98 -6.99 4.78
N THR E 32 16.93 -6.40 3.59
CA THR E 32 15.95 -5.36 3.31
C THR E 32 14.74 -5.92 2.59
N TRP E 33 14.91 -6.93 1.76
CA TRP E 33 13.80 -7.61 1.13
C TRP E 33 13.52 -8.89 1.90
N MET E 34 12.68 -9.72 1.31
CA MET E 34 12.33 -11.05 1.81
C MET E 34 11.33 -11.07 2.97
N VAL E 35 11.20 -9.97 3.70
CA VAL E 35 9.97 -9.79 4.48
C VAL E 35 8.94 -9.18 3.54
N PRO E 36 9.29 -8.17 2.72
CA PRO E 36 8.39 -7.79 1.63
C PRO E 36 8.06 -8.93 0.68
N PHE E 37 9.04 -9.78 0.34
CA PHE E 37 8.72 -10.91 -0.52
C PHE E 37 7.79 -11.90 0.17
N PHE E 38 7.97 -12.09 1.48
CA PHE E 38 7.05 -12.93 2.22
C PHE E 38 5.65 -12.31 2.26
N GLY E 39 5.56 -10.98 2.28
CA GLY E 39 4.26 -10.33 2.18
C GLY E 39 3.62 -10.58 0.83
N ILE E 40 4.41 -10.56 -0.24
CA ILE E 40 3.92 -10.94 -1.55
C ILE E 40 3.39 -12.37 -1.53
N LEU E 41 4.14 -13.27 -0.90
CA LEU E 41 3.70 -14.66 -0.81
C LEU E 41 2.41 -14.79 -0.01
N PHE E 42 2.26 -13.99 1.04
CA PHE E 42 1.02 -13.96 1.81
C PHE E 42 -0.15 -13.47 0.96
N VAL E 43 0.06 -12.46 0.13
CA VAL E 43 -1.00 -11.99 -0.75
C VAL E 43 -1.39 -13.07 -1.73
N GLN E 44 -0.40 -13.75 -2.32
CA GLN E 44 -0.66 -14.87 -3.21
C GLN E 44 -1.46 -15.95 -2.50
N MET E 45 -1.07 -16.27 -1.28
CA MET E 45 -1.77 -17.25 -0.46
C MET E 45 -3.24 -16.86 -0.28
N TRP E 46 -3.48 -15.60 0.09
CA TRP E 46 -4.86 -15.14 0.30
C TRP E 46 -5.67 -15.21 -0.99
N LEU E 47 -5.07 -14.83 -2.12
CA LEU E 47 -5.84 -14.82 -3.36
C LEU E 47 -6.16 -16.21 -3.85
N ILE E 48 -5.17 -17.12 -3.82
CA ILE E 48 -5.44 -18.49 -4.22
C ILE E 48 -6.43 -19.13 -3.26
N HIS E 49 -6.44 -18.73 -1.98
CA HIS E 49 -7.42 -19.29 -1.06
C HIS E 49 -8.81 -18.77 -1.35
N SER E 50 -8.96 -17.47 -1.61
CA SER E 50 -10.27 -16.95 -1.99
C SER E 50 -10.82 -17.71 -3.19
N TYR E 51 -9.97 -17.91 -4.19
CA TYR E 51 -10.39 -18.66 -5.38
C TYR E 51 -10.79 -20.09 -5.03
N ALA E 52 -9.93 -20.81 -4.33
CA ALA E 52 -10.19 -22.22 -4.05
C ALA E 52 -11.43 -22.38 -3.17
N LEU E 53 -11.55 -21.57 -2.11
CA LEU E 53 -12.72 -21.62 -1.26
C LEU E 53 -13.98 -21.28 -2.01
N SER E 54 -13.91 -20.48 -3.08
CA SER E 54 -15.08 -20.24 -3.90
C SER E 54 -15.44 -21.41 -4.80
N LEU E 55 -14.56 -22.38 -4.97
CA LEU E 55 -14.87 -23.53 -5.80
C LEU E 55 -15.78 -24.51 -5.05
N PRO E 56 -16.68 -25.19 -5.76
CA PRO E 56 -17.70 -26.01 -5.08
C PRO E 56 -17.08 -27.21 -4.37
N GLY E 57 -17.38 -27.35 -3.09
CA GLY E 57 -16.93 -28.47 -2.30
C GLY E 57 -15.80 -28.16 -1.35
N TYR E 58 -15.02 -27.12 -1.61
CA TYR E 58 -13.87 -26.80 -0.78
C TYR E 58 -14.25 -25.82 0.31
N GLY E 59 -13.52 -25.88 1.41
CA GLY E 59 -13.84 -24.98 2.49
C GLY E 59 -15.06 -25.44 3.27
N PHE E 60 -15.70 -24.49 3.92
CA PHE E 60 -16.74 -24.80 4.90
C PHE E 60 -18.04 -24.04 4.63
N LYS E 61 -18.25 -23.58 3.40
CA LYS E 61 -19.48 -22.83 3.12
C LYS E 61 -20.71 -23.72 3.12
N ASP E 62 -20.57 -25.03 2.90
CA ASP E 62 -21.71 -25.94 2.85
C ASP E 62 -21.62 -27.04 3.90
N SER E 63 -20.76 -26.89 4.91
CA SER E 63 -20.52 -27.98 5.84
C SER E 63 -20.52 -27.52 7.30
N VAL E 64 -21.15 -26.39 7.59
CA VAL E 64 -20.97 -25.77 8.90
C VAL E 64 -21.49 -26.68 10.01
N ARG E 65 -22.63 -27.32 9.79
CA ARG E 65 -23.13 -28.32 10.73
C ARG E 65 -23.33 -29.63 9.99
N VAL E 66 -22.43 -30.58 10.20
CA VAL E 66 -22.49 -31.88 9.56
C VAL E 66 -22.71 -32.96 10.61
N ALA E 67 -21.78 -33.10 11.54
CA ALA E 67 -21.83 -34.18 12.50
C ALA E 67 -20.87 -33.93 13.67
N GLN E 68 -20.70 -34.94 14.52
CA GLN E 68 -19.84 -34.88 15.69
C GLN E 68 -19.83 -33.52 16.41
N PRO E 69 -21.00 -32.96 16.71
CA PRO E 69 -21.04 -31.60 17.26
C PRO E 69 -20.65 -31.58 18.73
N ALA E 70 -20.52 -30.36 19.24
CA ALA E 70 -20.18 -30.15 20.65
C ALA E 70 -21.02 -29.04 21.26
N ALA F 5 33.05 -7.74 -5.99
CA ALA F 5 33.63 -6.43 -6.25
C ALA F 5 32.62 -5.32 -6.00
N ALA F 6 32.31 -5.08 -4.73
CA ALA F 6 31.29 -4.13 -4.32
C ALA F 6 29.96 -4.44 -5.02
N ASN F 7 29.42 -5.59 -4.66
CA ASN F 7 28.14 -6.04 -5.20
C ASN F 7 27.03 -5.05 -4.87
N LEU F 8 26.00 -5.03 -5.70
CA LEU F 8 24.93 -4.05 -5.55
C LEU F 8 24.12 -4.25 -4.28
N SER F 9 23.96 -5.50 -3.84
CA SER F 9 23.25 -5.77 -2.60
C SER F 9 24.07 -5.46 -1.36
N GLY F 10 25.37 -5.23 -1.50
CA GLY F 10 26.25 -5.12 -0.35
C GLY F 10 26.64 -6.45 0.26
N LEU F 11 26.30 -7.56 -0.36
CA LEU F 11 26.69 -8.88 0.09
C LEU F 11 27.93 -9.34 -0.66
N THR F 12 28.81 -10.04 0.03
CA THR F 12 29.91 -10.70 -0.65
C THR F 12 29.40 -11.97 -1.34
N ASP F 13 30.23 -12.52 -2.22
CA ASP F 13 29.85 -13.76 -2.89
C ASP F 13 29.67 -14.90 -1.90
N ALA F 14 30.49 -14.94 -0.85
CA ALA F 14 30.35 -15.99 0.14
C ALA F 14 29.07 -15.83 0.93
N GLN F 15 28.77 -14.61 1.36
CA GLN F 15 27.49 -14.32 2.00
C GLN F 15 26.32 -14.70 1.10
N ALA F 16 26.42 -14.38 -0.19
CA ALA F 16 25.35 -14.71 -1.12
C ALA F 16 25.14 -16.21 -1.23
N LYS F 17 26.23 -16.98 -1.30
CA LYS F 17 26.09 -18.43 -1.42
C LYS F 17 25.52 -19.05 -0.15
N GLU F 18 25.98 -18.60 1.02
CA GLU F 18 25.44 -19.11 2.27
C GLU F 18 23.95 -18.79 2.39
N PHE F 19 23.58 -17.54 2.09
CA PHE F 19 22.17 -17.20 2.13
C PHE F 19 21.38 -18.05 1.16
N HIS F 20 21.92 -18.31 -0.02
CA HIS F 20 21.18 -19.10 -0.98
C HIS F 20 20.95 -20.51 -0.49
N GLU F 21 21.90 -21.07 0.26
CA GLU F 21 21.64 -22.35 0.91
C GLU F 21 20.41 -22.27 1.80
N HIS F 22 20.36 -21.25 2.65
CA HIS F 22 19.19 -21.10 3.51
C HIS F 22 17.90 -20.89 2.72
N TRP F 23 17.98 -20.12 1.64
CA TRP F 23 16.81 -19.80 0.84
C TRP F 23 16.29 -21.04 0.12
N LYS F 24 17.20 -21.86 -0.40
CA LYS F 24 16.80 -23.11 -1.03
C LYS F 24 16.14 -24.02 -0.02
N HIS F 25 16.64 -24.05 1.22
CA HIS F 25 15.96 -24.82 2.24
C HIS F 25 14.52 -24.35 2.42
N GLY F 26 14.33 -23.04 2.56
CA GLY F 26 12.97 -22.51 2.71
C GLY F 26 12.08 -22.84 1.53
N VAL F 27 12.59 -22.62 0.31
CA VAL F 27 11.82 -22.87 -0.90
C VAL F 27 11.39 -24.33 -0.96
N TRP F 28 12.33 -25.25 -0.71
CA TRP F 28 11.99 -26.66 -0.85
C TRP F 28 11.05 -27.12 0.24
N SER F 29 11.21 -26.63 1.47
CA SER F 29 10.24 -26.97 2.51
C SER F 29 8.84 -26.53 2.10
N TRP F 30 8.72 -25.29 1.63
CA TRP F 30 7.42 -24.78 1.21
C TRP F 30 6.85 -25.61 0.07
N VAL F 31 7.69 -25.97 -0.91
CA VAL F 31 7.24 -26.74 -2.06
C VAL F 31 6.75 -28.11 -1.63
N MET F 32 7.50 -28.78 -0.75
CA MET F 32 7.13 -30.13 -0.35
C MET F 32 5.85 -30.15 0.47
N ILE F 33 5.71 -29.21 1.40
CA ILE F 33 4.47 -29.17 2.18
C ILE F 33 3.28 -28.85 1.28
N ALA F 34 3.46 -27.91 0.35
CA ALA F 34 2.38 -27.60 -0.58
C ALA F 34 2.01 -28.81 -1.43
N SER F 35 3.00 -29.59 -1.84
CA SER F 35 2.73 -30.79 -2.64
C SER F 35 1.93 -31.80 -1.83
N ALA F 36 2.30 -32.00 -0.57
CA ALA F 36 1.53 -32.91 0.29
C ALA F 36 0.09 -32.45 0.41
N VAL F 37 -0.13 -31.17 0.72
CA VAL F 37 -1.48 -30.67 0.89
C VAL F 37 -2.25 -30.77 -0.43
N HIS F 38 -1.57 -30.61 -1.56
CA HIS F 38 -2.25 -30.75 -2.84
C HIS F 38 -2.68 -32.18 -3.09
N VAL F 39 -1.81 -33.14 -2.77
CA VAL F 39 -2.18 -34.54 -2.93
C VAL F 39 -3.40 -34.86 -2.08
N VAL F 40 -3.42 -34.35 -0.84
CA VAL F 40 -4.55 -34.60 0.04
C VAL F 40 -5.82 -33.95 -0.51
N THR F 41 -5.71 -32.72 -1.02
CA THR F 41 -6.86 -32.04 -1.58
C THR F 41 -7.39 -32.75 -2.82
N TRP F 42 -6.48 -33.26 -3.66
CA TRP F 42 -6.88 -33.97 -4.86
C TRP F 42 -7.60 -35.27 -4.50
N ILE F 43 -7.07 -35.99 -3.52
CA ILE F 43 -7.75 -37.18 -3.02
C ILE F 43 -9.16 -36.82 -2.56
N TYR F 44 -9.28 -35.74 -1.79
CA TYR F 44 -10.60 -35.29 -1.36
C TYR F 44 -11.48 -34.90 -2.56
N GLN F 45 -10.93 -34.13 -3.49
CA GLN F 45 -11.67 -33.69 -4.67
C GLN F 45 -10.69 -33.21 -5.74
N PRO F 46 -10.80 -33.73 -6.96
CA PRO F 46 -9.71 -33.52 -7.93
C PRO F 46 -9.67 -32.13 -8.58
N TRP F 47 -10.77 -31.39 -8.63
CA TRP F 47 -10.83 -30.06 -9.23
C TRP F 47 -10.55 -30.06 -10.74
N PHE F 48 -10.22 -31.23 -11.29
CA PHE F 48 -10.38 -31.51 -12.72
C PHE F 48 -10.07 -32.98 -12.99
N LYS G 2 15.65 -31.05 13.01
CA LYS G 2 15.48 -32.01 11.93
C LYS G 2 16.25 -31.59 10.69
N VAL G 3 16.71 -32.56 9.92
CA VAL G 3 17.42 -32.25 8.68
C VAL G 3 16.62 -32.85 7.53
N PRO G 4 15.81 -32.07 6.83
CA PRO G 4 15.06 -32.62 5.72
C PRO G 4 15.85 -32.52 4.42
N VAL G 5 15.55 -33.44 3.51
CA VAL G 5 16.28 -33.49 2.25
C VAL G 5 15.84 -32.33 1.37
N MET G 6 16.80 -31.61 0.80
CA MET G 6 16.51 -30.38 0.09
C MET G 6 17.20 -30.29 -1.27
N MET G 7 16.61 -30.91 -2.30
CA MET G 7 16.62 -30.39 -3.67
C MET G 7 17.82 -29.51 -4.01
N ALA G 8 18.99 -30.12 -4.12
CA ALA G 8 20.21 -29.46 -4.59
C ALA G 8 20.79 -28.54 -3.52
N ASP G 9 20.67 -28.92 -2.26
CA ASP G 9 21.53 -28.41 -1.20
C ASP G 9 22.94 -28.94 -1.45
N GLU G 10 23.96 -28.15 -1.12
CA GLU G 10 25.30 -28.72 -1.05
C GLU G 10 25.70 -28.62 0.41
N SER G 11 26.32 -29.69 0.93
CA SER G 11 26.15 -30.04 2.34
C SER G 11 27.23 -29.47 3.25
N ILE G 12 27.85 -28.35 2.88
CA ILE G 12 28.81 -27.74 3.79
C ILE G 12 28.09 -27.18 5.00
N ALA G 13 27.00 -26.45 4.77
CA ALA G 13 26.18 -25.90 5.85
C ALA G 13 25.00 -26.83 6.08
N THR G 14 24.96 -27.46 7.25
CA THR G 14 23.82 -28.26 7.65
C THR G 14 22.78 -27.37 8.30
N ILE G 15 21.52 -27.73 8.14
CA ILE G 15 20.44 -26.82 8.45
C ILE G 15 19.85 -27.10 9.83
N ASN G 16 19.26 -28.28 10.03
CA ASN G 16 18.80 -28.73 11.35
C ASN G 16 17.91 -27.66 12.00
N HIS G 17 16.77 -27.43 11.38
CA HIS G 17 16.33 -26.09 11.69
C HIS G 17 15.57 -25.81 12.97
N PRO G 18 14.62 -26.64 13.43
CA PRO G 18 13.88 -26.27 14.65
C PRO G 18 14.80 -25.75 15.74
N GLU G 19 16.02 -26.29 15.77
CA GLU G 19 17.08 -25.80 16.63
C GLU G 19 17.71 -24.52 16.08
N ASP G 20 17.87 -24.43 14.76
CA ASP G 20 18.50 -23.27 14.15
C ASP G 20 17.50 -22.25 13.64
N ASP G 21 16.37 -22.09 14.32
CA ASP G 21 15.63 -20.84 14.25
C ASP G 21 16.53 -19.85 14.98
N TRP G 22 16.03 -18.69 15.38
CA TRP G 22 16.80 -17.66 16.06
C TRP G 22 17.84 -17.09 15.10
N LYS G 23 18.11 -17.85 14.05
CA LYS G 23 19.12 -17.49 13.07
C LYS G 23 18.52 -16.68 11.94
N ILE G 24 17.20 -16.76 11.77
CA ILE G 24 16.49 -15.87 10.88
C ILE G 24 16.68 -14.43 11.32
N TRP G 25 16.80 -14.20 12.62
CA TRP G 25 17.02 -12.87 13.13
C TRP G 25 18.43 -12.35 12.89
N THR G 26 19.30 -13.14 12.26
CA THR G 26 20.56 -12.61 11.75
C THR G 26 20.42 -12.04 10.35
N VAL G 27 19.27 -12.23 9.72
CA VAL G 27 18.95 -11.60 8.45
C VAL G 27 17.85 -10.56 8.63
N ILE G 28 16.78 -10.92 9.31
CA ILE G 28 15.66 -10.01 9.54
C ILE G 28 15.93 -9.24 10.81
N ASN G 29 16.13 -7.93 10.67
CA ASN G 29 16.27 -7.05 11.83
C ASN G 29 14.87 -6.75 12.36
N PRO G 30 14.51 -7.21 13.56
CA PRO G 30 13.14 -6.98 14.05
C PRO G 30 12.85 -5.54 14.41
N ALA G 31 13.85 -4.68 14.52
CA ALA G 31 13.56 -3.28 14.76
C ALA G 31 12.99 -2.60 13.52
N THR G 32 13.32 -3.09 12.33
CA THR G 32 12.76 -2.53 11.12
C THR G 32 11.57 -3.34 10.61
N TRP G 33 11.56 -4.63 10.83
CA TRP G 33 10.40 -5.44 10.52
C TRP G 33 9.61 -5.69 11.80
N MET G 34 8.66 -6.60 11.72
CA MET G 34 7.85 -7.07 12.82
C MET G 34 6.73 -6.13 13.24
N VAL G 35 6.82 -4.85 12.92
CA VAL G 35 5.60 -4.04 12.89
C VAL G 35 4.98 -4.25 11.51
N PRO G 36 5.75 -4.23 10.42
CA PRO G 36 5.20 -4.70 9.15
C PRO G 36 4.69 -6.13 9.20
N PHE G 37 5.39 -7.03 9.89
CA PHE G 37 4.88 -8.40 10.00
C PHE G 37 3.60 -8.44 10.82
N PHE G 38 3.51 -7.61 11.86
CA PHE G 38 2.25 -7.53 12.60
C PHE G 38 1.13 -6.97 11.74
N GLY G 39 1.45 -6.06 10.81
CA GLY G 39 0.45 -5.61 9.86
C GLY G 39 -0.02 -6.71 8.94
N ILE G 40 0.91 -7.56 8.50
CA ILE G 40 0.54 -8.76 7.75
C ILE G 40 -0.41 -9.63 8.57
N LEU G 41 -0.08 -9.83 9.85
CA LEU G 41 -0.93 -10.64 10.71
C LEU G 41 -2.31 -10.01 10.87
N PHE G 42 -2.37 -8.68 10.95
CA PHE G 42 -3.65 -7.98 11.02
C PHE G 42 -4.47 -8.18 9.75
N VAL G 43 -3.82 -8.15 8.58
CA VAL G 43 -4.53 -8.40 7.33
C VAL G 43 -5.07 -9.82 7.31
N GLN G 44 -4.25 -10.79 7.73
CA GLN G 44 -4.71 -12.17 7.83
C GLN G 44 -5.90 -12.28 8.76
N MET G 45 -5.82 -11.61 9.91
CA MET G 45 -6.92 -11.59 10.86
C MET G 45 -8.20 -11.06 10.23
N TRP G 46 -8.10 -9.93 9.52
CA TRP G 46 -9.29 -9.35 8.88
C TRP G 46 -9.86 -10.28 7.83
N LEU G 47 -9.01 -10.93 7.03
CA LEU G 47 -9.51 -11.78 5.95
C LEU G 47 -10.18 -13.03 6.50
N ILE G 48 -9.54 -13.70 7.46
CA ILE G 48 -10.15 -14.88 8.06
C ILE G 48 -11.43 -14.49 8.79
N HIS G 49 -11.50 -13.28 9.33
CA HIS G 49 -12.75 -12.88 9.98
C HIS G 49 -13.85 -12.61 8.97
N SER G 50 -13.54 -11.94 7.86
CA SER G 50 -14.55 -11.76 6.82
C SER G 50 -15.11 -13.11 6.39
N TYR G 51 -14.21 -14.06 6.15
CA TYR G 51 -14.65 -15.40 5.76
C TYR G 51 -15.52 -16.05 6.82
N ALA G 52 -15.05 -16.09 8.07
CA ALA G 52 -15.78 -16.78 9.12
C ALA G 52 -17.12 -16.12 9.39
N LEU G 53 -17.16 -14.79 9.47
CA LEU G 53 -18.40 -14.08 9.67
C LEU G 53 -19.37 -14.30 8.52
N SER G 54 -18.87 -14.57 7.32
CA SER G 54 -19.77 -14.91 6.22
C SER G 54 -20.34 -16.34 6.33
N LEU G 55 -19.78 -17.18 7.17
CA LEU G 55 -20.29 -18.53 7.32
C LEU G 55 -21.56 -18.54 8.17
N PRO G 56 -22.51 -19.42 7.87
CA PRO G 56 -23.83 -19.37 8.53
C PRO G 56 -23.72 -19.70 10.02
N GLY G 57 -24.26 -18.81 10.84
CA GLY G 57 -24.30 -19.00 12.27
C GLY G 57 -23.30 -18.19 13.06
N TYR G 58 -22.21 -17.77 12.44
CA TYR G 58 -21.17 -17.04 13.14
C TYR G 58 -21.39 -15.54 13.05
N GLY G 59 -20.90 -14.83 14.05
CA GLY G 59 -21.10 -13.41 14.02
C GLY G 59 -22.51 -13.01 14.42
N PHE G 60 -22.92 -11.83 13.97
CA PHE G 60 -24.14 -11.22 14.47
C PHE G 60 -25.08 -10.81 13.35
N LYS G 61 -24.95 -11.40 12.17
CA LYS G 61 -25.82 -11.01 11.07
C LYS G 61 -27.25 -11.47 11.26
N ASP G 62 -27.48 -12.51 12.06
CA ASP G 62 -28.82 -13.06 12.27
C ASP G 62 -29.24 -13.01 13.73
N SER G 63 -28.56 -12.23 14.56
CA SER G 63 -28.82 -12.28 16.00
C SER G 63 -28.91 -10.89 16.62
N VAL G 64 -29.20 -9.86 15.83
CA VAL G 64 -29.05 -8.49 16.31
C VAL G 64 -30.00 -8.22 17.47
N ARG G 65 -31.22 -8.72 17.39
CA ARG G 65 -32.15 -8.62 18.51
C ARG G 65 -32.63 -10.03 18.86
N VAL G 66 -32.10 -10.56 19.96
CA VAL G 66 -32.47 -11.91 20.42
C VAL G 66 -33.18 -11.81 21.75
N ALA G 67 -32.48 -11.30 22.77
CA ALA G 67 -33.02 -11.29 24.12
C ALA G 67 -32.23 -10.33 25.01
N GLN G 68 -32.53 -10.38 26.31
CA GLN G 68 -31.89 -9.54 27.33
C GLN G 68 -31.57 -8.11 26.86
N PRO G 69 -32.55 -7.42 26.28
CA PRO G 69 -32.26 -6.11 25.69
C PRO G 69 -32.11 -5.03 26.75
N ALA G 70 -31.69 -3.86 26.29
CA ALA G 70 -31.54 -2.71 27.18
C ALA G 70 -32.08 -1.43 26.52
N ALA H 5 29.54 -12.61 12.51
CA ALA H 5 30.54 -11.98 11.64
C ALA H 5 29.90 -10.97 10.70
N ALA H 6 29.48 -9.84 11.26
CA ALA H 6 28.74 -8.82 10.52
C ALA H 6 27.51 -9.42 9.84
N ASN H 7 26.59 -9.87 10.68
CA ASN H 7 25.34 -10.44 10.20
C ASN H 7 24.56 -9.43 9.37
N LEU H 8 23.73 -9.96 8.46
CA LEU H 8 23.00 -9.10 7.53
C LEU H 8 21.98 -8.21 8.23
N SER H 9 21.38 -8.69 9.32
CA SER H 9 20.43 -7.88 10.06
C SER H 9 21.09 -6.83 10.93
N GLY H 10 22.41 -6.90 11.13
CA GLY H 10 23.08 -6.06 12.08
C GLY H 10 22.95 -6.50 13.52
N LEU H 11 22.38 -7.67 13.76
CA LEU H 11 22.27 -8.25 15.09
C LEU H 11 23.41 -9.23 15.33
N THR H 12 23.90 -9.26 16.56
CA THR H 12 24.84 -10.31 16.94
C THR H 12 24.08 -11.60 17.18
N ASP H 13 24.83 -12.70 17.27
CA ASP H 13 24.19 -13.98 17.55
C ASP H 13 23.51 -13.99 18.91
N ALA H 14 24.11 -13.31 19.89
CA ALA H 14 23.49 -13.24 21.22
C ALA H 14 22.21 -12.43 21.18
N GLN H 15 22.24 -11.28 20.52
CA GLN H 15 21.02 -10.50 20.32
C GLN H 15 19.96 -11.31 19.60
N ALA H 16 20.35 -12.07 18.58
CA ALA H 16 19.40 -12.87 17.84
C ALA H 16 18.75 -13.93 18.72
N LYS H 17 19.55 -14.61 19.57
CA LYS H 17 18.99 -15.63 20.44
C LYS H 17 18.05 -15.05 21.49
N GLU H 18 18.44 -13.92 22.09
CA GLU H 18 17.57 -13.27 23.08
C GLU H 18 16.26 -12.83 22.43
N PHE H 19 16.34 -12.20 21.26
CA PHE H 19 15.13 -11.81 20.57
C PHE H 19 14.27 -13.03 20.27
N HIS H 20 14.88 -14.13 19.86
CA HIS H 20 14.10 -15.31 19.53
C HIS H 20 13.37 -15.85 20.74
N GLU H 21 13.97 -15.75 21.92
CA GLU H 21 13.23 -16.08 23.13
C GLU H 21 11.96 -15.25 23.24
N HIS H 22 12.09 -13.94 23.08
CA HIS H 22 10.90 -13.09 23.14
C HIS H 22 9.89 -13.43 22.05
N TRP H 23 10.37 -13.73 20.85
CA TRP H 23 9.49 -14.01 19.72
C TRP H 23 8.75 -15.31 19.93
N LYS H 24 9.43 -16.32 20.46
CA LYS H 24 8.76 -17.58 20.76
C LYS H 24 7.70 -17.38 21.82
N HIS H 25 7.96 -16.51 22.81
CA HIS H 25 6.92 -16.19 23.78
C HIS H 25 5.69 -15.62 23.09
N GLY H 26 5.89 -14.64 22.22
CA GLY H 26 4.76 -14.06 21.50
C GLY H 26 4.02 -15.07 20.65
N VAL H 27 4.76 -15.87 19.90
CA VAL H 27 4.15 -16.87 19.02
C VAL H 27 3.31 -17.85 19.83
N TRP H 28 3.86 -18.35 20.93
CA TRP H 28 3.14 -19.35 21.70
C TRP H 28 1.93 -18.77 22.41
N SER H 29 2.04 -17.54 22.91
CA SER H 29 0.85 -16.90 23.50
C SER H 29 -0.26 -16.78 22.46
N TRP H 30 0.09 -16.31 21.26
CA TRP H 30 -0.90 -16.16 20.21
C TRP H 30 -1.50 -17.51 19.85
N VAL H 31 -0.68 -18.54 19.74
CA VAL H 31 -1.15 -19.87 19.37
C VAL H 31 -2.12 -20.41 20.42
N MET H 32 -1.76 -20.27 21.70
CA MET H 32 -2.58 -20.84 22.77
C MET H 32 -3.92 -20.12 22.87
N ILE H 33 -3.91 -18.79 22.79
CA ILE H 33 -5.18 -18.07 22.85
C ILE H 33 -6.05 -18.42 21.65
N ALA H 34 -5.44 -18.51 20.46
CA ALA H 34 -6.22 -18.89 19.28
C ALA H 34 -6.80 -20.28 19.44
N SER H 35 -6.05 -21.21 20.04
CA SER H 35 -6.55 -22.56 20.25
C SER H 35 -7.74 -22.56 21.20
N ALA H 36 -7.66 -21.78 22.27
CA ALA H 36 -8.79 -21.68 23.19
C ALA H 36 -10.02 -21.15 22.47
N VAL H 37 -9.86 -20.06 21.72
CA VAL H 37 -11.02 -19.48 21.03
C VAL H 37 -11.56 -20.44 19.99
N HIS H 38 -10.70 -21.24 19.38
CA HIS H 38 -11.17 -22.24 18.41
C HIS H 38 -11.98 -23.33 19.09
N VAL H 39 -11.51 -23.81 20.24
CA VAL H 39 -12.27 -24.81 20.98
C VAL H 39 -13.65 -24.27 21.34
N VAL H 40 -13.70 -23.02 21.78
CA VAL H 40 -14.98 -22.43 22.14
C VAL H 40 -15.88 -22.30 20.91
N THR H 41 -15.31 -21.87 19.79
CA THR H 41 -16.10 -21.73 18.57
C THR H 41 -16.61 -23.08 18.08
N TRP H 42 -15.78 -24.12 18.18
CA TRP H 42 -16.19 -25.45 17.76
C TRP H 42 -17.31 -25.97 18.64
N ILE H 43 -17.20 -25.76 19.95
CA ILE H 43 -18.28 -26.11 20.85
C ILE H 43 -19.57 -25.41 20.42
N TYR H 44 -19.47 -24.11 20.14
CA TYR H 44 -20.64 -23.38 19.68
C TYR H 44 -21.15 -23.93 18.35
N GLN H 45 -20.24 -24.17 17.40
CA GLN H 45 -20.62 -24.67 16.08
C GLN H 45 -19.38 -25.25 15.39
N PRO H 46 -19.44 -26.49 14.92
CA PRO H 46 -18.21 -27.18 14.50
C PRO H 46 -17.63 -26.75 13.15
N TRP H 47 -18.43 -26.18 12.25
CA TRP H 47 -17.98 -25.74 10.92
C TRP H 47 -17.48 -26.90 10.04
N PHE H 48 -17.44 -28.12 10.59
CA PHE H 48 -17.44 -29.36 9.81
C PHE H 48 -17.56 -30.55 10.74
N LYS I 2 2.99 -12.25 34.94
CA LYS I 2 2.70 -13.67 34.85
C LYS I 2 3.74 -14.39 34.01
N VAL I 3 4.00 -15.65 34.34
CA VAL I 3 4.95 -16.44 33.56
C VAL I 3 4.20 -17.62 32.97
N PRO I 4 3.79 -17.55 31.71
CA PRO I 4 3.09 -18.68 31.11
C PRO I 4 4.06 -19.65 30.47
N VAL I 5 3.64 -20.91 30.40
CA VAL I 5 4.51 -21.95 29.88
C VAL I 5 4.60 -21.80 28.37
N MET I 6 5.82 -21.85 27.83
CA MET I 6 6.04 -21.54 26.43
C MET I 6 6.92 -22.56 25.72
N MET I 7 6.35 -23.68 25.28
CA MET I 7 6.73 -24.36 24.04
C MET I 7 8.18 -24.15 23.62
N ALA I 8 9.11 -24.74 24.36
CA ALA I 8 10.53 -24.76 24.01
C ALA I 8 11.20 -23.42 24.26
N ASP I 9 10.76 -22.72 25.31
CA ASP I 9 11.56 -21.67 25.92
C ASP I 9 12.75 -22.33 26.60
N GLU I 10 13.90 -21.66 26.62
CA GLU I 10 14.97 -22.11 27.50
C GLU I 10 15.15 -21.00 28.52
N SER I 11 15.30 -21.36 29.78
CA SER I 11 14.83 -20.53 30.88
C SER I 11 15.87 -19.58 31.44
N ILE I 12 16.85 -19.17 30.65
CA ILE I 12 17.80 -18.18 31.15
C ILE I 12 17.11 -16.83 31.29
N ALA I 13 16.35 -16.43 30.28
CA ALA I 13 15.59 -15.19 30.33
C ALA I 13 14.15 -15.51 30.71
N THR I 14 13.74 -15.05 31.89
CA THR I 14 12.35 -15.18 32.32
C THR I 14 11.56 -14.00 31.77
N ILE I 15 10.28 -14.25 31.49
CA ILE I 15 9.51 -13.31 30.71
C ILE I 15 8.65 -12.42 31.60
N ASN I 16 7.69 -12.99 32.33
CA ASN I 16 6.92 -12.26 33.33
C ASN I 16 6.32 -10.98 32.73
N HIS I 17 5.41 -11.18 31.79
CA HIS I 17 5.37 -10.03 30.92
C HIS I 17 4.53 -8.82 31.29
N PRO I 18 3.31 -8.93 31.84
CA PRO I 18 2.55 -7.71 32.14
C PRO I 18 3.41 -6.65 32.78
N GLU I 19 4.37 -7.09 33.59
CA GLU I 19 5.39 -6.22 34.16
C GLU I 19 6.46 -5.85 33.15
N ASP I 20 6.84 -6.79 32.28
CA ASP I 20 7.89 -6.53 31.30
C ASP I 20 7.35 -6.16 29.94
N ASP I 21 6.23 -5.43 29.90
CA ASP I 21 5.95 -4.60 28.74
C ASP I 21 6.98 -3.48 28.83
N TRP I 22 6.79 -2.38 28.13
CA TRP I 22 7.75 -1.25 28.11
C TRP I 22 9.04 -1.71 27.46
N LYS I 23 9.22 -3.01 27.40
CA LYS I 23 10.44 -3.60 26.85
C LYS I 23 10.30 -3.84 25.36
N ILE I 24 9.07 -3.92 24.87
CA ILE I 24 8.82 -3.93 23.44
C ILE I 24 9.38 -2.66 22.80
N TRP I 25 9.35 -1.55 23.53
CA TRP I 25 9.89 -0.31 23.01
C TRP I 25 11.41 -0.29 22.98
N THR I 26 12.08 -1.35 23.41
CA THR I 26 13.51 -1.50 23.15
C THR I 26 13.77 -2.16 21.79
N VAL I 27 12.74 -2.66 21.14
CA VAL I 27 12.84 -3.15 19.77
C VAL I 27 12.10 -2.24 18.81
N ILE I 28 10.88 -1.86 19.14
CA ILE I 28 10.07 -0.99 18.29
C ILE I 28 10.37 0.45 18.66
N ASN I 29 10.98 1.19 17.75
CA ASN I 29 11.20 2.62 17.94
C ASN I 29 9.91 3.34 17.60
N PRO I 30 9.23 3.96 18.57
CA PRO I 30 7.95 4.61 18.27
C PRO I 30 8.06 5.85 17.42
N ALA I 31 9.24 6.41 17.24
CA ALA I 31 9.37 7.53 16.33
C ALA I 31 9.24 7.12 14.88
N THR I 32 9.59 5.88 14.56
CA THR I 32 9.43 5.38 13.20
C THR I 32 8.14 4.59 13.02
N TRP I 33 7.70 3.90 14.05
CA TRP I 33 6.41 3.25 14.03
C TRP I 33 5.39 4.11 14.75
N MET I 34 4.23 3.52 15.00
CA MET I 34 3.14 4.12 15.77
C MET I 34 2.32 5.17 15.02
N VAL I 35 2.86 5.75 13.96
CA VAL I 35 1.97 6.38 12.98
C VAL I 35 1.54 5.27 12.02
N PRO I 36 2.45 4.39 11.56
CA PRO I 36 1.98 3.18 10.88
C PRO I 36 1.05 2.32 11.72
N PHE I 37 1.32 2.19 13.02
CA PHE I 37 0.40 1.42 13.86
C PHE I 37 -0.94 2.12 13.99
N PHE I 38 -0.94 3.45 14.05
CA PHE I 38 -2.20 4.18 14.06
C PHE I 38 -2.94 4.00 12.73
N GLY I 39 -2.21 3.87 11.63
CA GLY I 39 -2.86 3.55 10.36
C GLY I 39 -3.51 2.19 10.37
N ILE I 40 -2.83 1.22 10.98
CA ILE I 40 -3.43 -0.10 11.19
C ILE I 40 -4.71 0.02 11.99
N LEU I 41 -4.67 0.82 13.07
CA LEU I 41 -5.86 1.00 13.90
C LEU I 41 -6.98 1.67 13.11
N PHE I 42 -6.64 2.61 12.22
CA PHE I 42 -7.62 3.24 11.36
C PHE I 42 -8.25 2.23 10.41
N VAL I 43 -7.45 1.33 9.85
CA VAL I 43 -8.00 0.30 8.97
C VAL I 43 -8.94 -0.61 9.75
N GLN I 44 -8.54 -1.01 10.96
CA GLN I 44 -9.42 -1.81 11.81
C GLN I 44 -10.72 -1.07 12.09
N MET I 45 -10.62 0.22 12.39
CA MET I 45 -11.79 1.06 12.64
C MET I 45 -12.73 1.05 11.43
N TRP I 46 -12.17 1.24 10.24
CA TRP I 46 -12.99 1.25 9.03
C TRP I 46 -13.66 -0.09 8.79
N LEU I 47 -12.94 -1.19 9.01
CA LEU I 47 -13.51 -2.50 8.72
C LEU I 47 -14.60 -2.87 9.71
N ILE I 48 -14.36 -2.64 11.00
CA ILE I 48 -15.39 -2.91 11.99
C ILE I 48 -16.59 -2.00 11.77
N HIS I 49 -16.37 -0.79 11.26
CA HIS I 49 -17.51 0.08 10.99
C HIS I 49 -18.30 -0.40 9.79
N SER I 50 -17.64 -0.81 8.71
CA SER I 50 -18.36 -1.38 7.58
C SER I 50 -19.23 -2.53 8.03
N TYR I 51 -18.65 -3.43 8.84
CA TYR I 51 -19.41 -4.56 9.36
C TYR I 51 -20.60 -4.11 10.19
N ALA I 52 -20.37 -3.25 11.19
CA ALA I 52 -21.43 -2.85 12.10
C ALA I 52 -22.53 -2.09 11.37
N LEU I 53 -22.16 -1.16 10.50
CA LEU I 53 -23.13 -0.43 9.71
C LEU I 53 -23.93 -1.33 8.79
N SER I 54 -23.36 -2.47 8.37
CA SER I 54 -24.14 -3.42 7.60
C SER I 54 -25.12 -4.22 8.45
N LEU I 55 -24.99 -4.21 9.77
CA LEU I 55 -25.92 -4.93 10.62
C LEU I 55 -27.25 -4.18 10.74
N PRO I 56 -28.36 -4.90 10.84
CA PRO I 56 -29.68 -4.26 10.79
C PRO I 56 -29.93 -3.38 12.00
N GLY I 57 -30.27 -2.11 11.75
CA GLY I 57 -30.60 -1.17 12.78
C GLY I 57 -29.53 -0.14 13.08
N TYR I 58 -28.28 -0.42 12.75
CA TYR I 58 -27.19 0.48 13.06
C TYR I 58 -26.92 1.41 11.89
N GLY I 59 -26.40 2.59 12.22
CA GLY I 59 -26.14 3.53 11.15
C GLY I 59 -27.40 4.21 10.68
N PHE I 60 -27.35 4.69 9.44
CA PHE I 60 -28.39 5.58 8.93
C PHE I 60 -28.97 5.10 7.61
N LYS I 61 -28.84 3.81 7.29
CA LYS I 61 -29.35 3.33 6.02
C LYS I 61 -30.88 3.29 5.98
N ASP I 62 -31.54 3.23 7.14
CA ASP I 62 -33.00 3.16 7.20
C ASP I 62 -33.62 4.32 7.97
N SER I 63 -32.86 5.39 8.19
CA SER I 63 -33.34 6.46 9.06
C SER I 63 -33.09 7.85 8.49
N VAL I 64 -32.92 7.95 7.17
CA VAL I 64 -32.43 9.20 6.60
C VAL I 64 -33.42 10.34 6.84
N ARG I 65 -34.71 10.06 6.71
CA ARG I 65 -35.73 11.05 7.07
C ARG I 65 -36.67 10.43 8.10
N VAL I 66 -36.52 10.84 9.35
CA VAL I 66 -37.34 10.34 10.44
C VAL I 66 -38.19 11.46 11.01
N ALA I 67 -37.54 12.49 11.54
CA ALA I 67 -38.25 13.56 12.22
C ALA I 67 -37.36 14.78 12.41
N GLN I 68 -37.85 15.76 13.19
CA GLN I 68 -37.15 16.99 13.48
C GLN I 68 -36.35 17.56 12.31
N PRO I 69 -36.94 17.68 11.13
CA PRO I 69 -36.18 18.07 9.95
C PRO I 69 -35.87 19.56 9.95
N ALA I 70 -35.05 19.95 8.98
CA ALA I 70 -34.68 21.36 8.82
C ALA I 70 -34.70 21.75 7.34
N ALA J 5 21.83 -1.70 26.62
CA ALA J 5 23.09 -2.01 25.98
C ALA J 5 22.96 -1.99 24.46
N ALA J 6 22.83 -0.78 23.90
CA ALA J 6 22.57 -0.58 22.47
C ALA J 6 21.33 -1.38 22.03
N ASN J 7 20.20 -0.97 22.58
CA ASN J 7 18.92 -1.60 22.24
C ASN J 7 18.64 -1.47 20.75
N LEU J 8 17.84 -2.42 20.24
CA LEU J 8 17.57 -2.48 18.81
C LEU J 8 16.78 -1.28 18.32
N SER J 9 15.89 -0.73 19.14
CA SER J 9 15.13 0.45 18.74
C SER J 9 15.95 1.73 18.82
N GLY J 10 17.12 1.70 19.43
CA GLY J 10 17.85 2.92 19.70
C GLY J 10 17.36 3.70 20.89
N LEU J 11 16.43 3.16 21.66
CA LEU J 11 15.94 3.78 22.87
C LEU J 11 16.66 3.21 24.08
N THR J 12 16.92 4.06 25.07
CA THR J 12 17.42 3.56 26.34
C THR J 12 16.26 2.96 27.13
N ASP J 13 16.61 2.23 28.20
CA ASP J 13 15.58 1.65 29.04
C ASP J 13 14.72 2.71 29.69
N ALA J 14 15.33 3.84 30.07
CA ALA J 14 14.57 4.92 30.67
C ALA J 14 13.61 5.55 29.66
N GLN J 15 14.10 5.81 28.45
CA GLN J 15 13.24 6.30 27.38
C GLN J 15 12.10 5.31 27.12
N ALA J 16 12.41 4.02 27.10
CA ALA J 16 11.38 3.02 26.85
C ALA J 16 10.30 3.04 27.94
N LYS J 17 10.70 3.16 29.21
CA LYS J 17 9.73 3.17 30.30
C LYS J 17 8.86 4.43 30.26
N GLU J 18 9.47 5.59 30.01
CA GLU J 18 8.70 6.82 29.91
C GLU J 18 7.72 6.75 28.75
N PHE J 19 8.18 6.28 27.59
CA PHE J 19 7.26 6.14 26.47
C PHE J 19 6.14 5.20 26.81
N HIS J 20 6.44 4.10 27.51
CA HIS J 20 5.40 3.15 27.84
C HIS J 20 4.35 3.76 28.75
N GLU J 21 4.75 4.65 29.65
CA GLU J 21 3.76 5.40 30.41
C GLU J 21 2.81 6.15 29.49
N HIS J 22 3.37 6.88 28.53
CA HIS J 22 2.49 7.60 27.59
C HIS J 22 1.61 6.65 26.78
N TRP J 23 2.18 5.52 26.37
CA TRP J 23 1.45 4.57 25.53
C TRP J 23 0.30 3.93 26.31
N LYS J 24 0.55 3.60 27.57
CA LYS J 24 -0.51 3.06 28.40
C LYS J 24 -1.62 4.07 28.60
N HIS J 25 -1.25 5.35 28.73
CA HIS J 25 -2.29 6.38 28.79
C HIS J 25 -3.16 6.35 27.55
N GLY J 26 -2.53 6.33 26.37
CA GLY J 26 -3.29 6.29 25.13
C GLY J 26 -4.17 5.06 25.03
N VAL J 27 -3.60 3.90 25.33
CA VAL J 27 -4.34 2.64 25.24
C VAL J 27 -5.56 2.67 26.15
N TRP J 28 -5.38 3.12 27.39
CA TRP J 28 -6.49 3.08 28.34
C TRP J 28 -7.55 4.11 27.98
N SER J 29 -7.15 5.29 27.51
CA SER J 29 -8.15 6.25 27.06
C SER J 29 -8.99 5.66 25.93
N TRP J 30 -8.32 5.06 24.95
CA TRP J 30 -9.05 4.45 23.83
C TRP J 30 -9.97 3.35 24.32
N VAL J 31 -9.49 2.51 25.23
CA VAL J 31 -10.30 1.40 25.74
C VAL J 31 -11.53 1.91 26.47
N MET J 32 -11.36 2.92 27.32
CA MET J 32 -12.48 3.41 28.12
C MET J 32 -13.53 4.09 27.25
N ILE J 33 -13.09 4.91 26.29
CA ILE J 33 -14.07 5.54 25.41
C ILE J 33 -14.80 4.50 24.58
N ALA J 34 -14.07 3.50 24.07
CA ALA J 34 -14.73 2.44 23.32
C ALA J 34 -15.73 1.68 24.18
N SER J 35 -15.41 1.46 25.45
CA SER J 35 -16.32 0.76 26.34
C SER J 35 -17.59 1.57 26.56
N ALA J 36 -17.45 2.88 26.75
CA ALA J 36 -18.63 3.74 26.89
C ALA J 36 -19.50 3.66 25.65
N VAL J 37 -18.91 3.82 24.47
CA VAL J 37 -19.69 3.79 23.24
C VAL J 37 -20.33 2.42 23.04
N HIS J 38 -19.67 1.36 23.49
CA HIS J 38 -20.27 0.03 23.39
C HIS J 38 -21.47 -0.12 24.29
N VAL J 39 -21.36 0.38 25.53
CA VAL J 39 -22.50 0.33 26.44
C VAL J 39 -23.67 1.08 25.84
N VAL J 40 -23.41 2.25 25.26
CA VAL J 40 -24.49 3.02 24.64
C VAL J 40 -25.10 2.28 23.46
N THR J 41 -24.25 1.67 22.63
CA THR J 41 -24.75 0.92 21.48
C THR J 41 -25.57 -0.29 21.91
N TRP J 42 -25.12 -0.97 22.96
CA TRP J 42 -25.86 -2.13 23.46
C TRP J 42 -27.20 -1.72 24.01
N ILE J 43 -27.25 -0.62 24.77
CA ILE J 43 -28.52 -0.08 25.23
C ILE J 43 -29.44 0.19 24.03
N TYR J 44 -28.90 0.82 23.00
CA TYR J 44 -29.70 1.07 21.80
C TYR J 44 -30.13 -0.24 21.15
N GLN J 45 -29.20 -1.18 20.99
CA GLN J 45 -29.49 -2.47 20.37
C GLN J 45 -28.41 -3.48 20.73
N PRO J 46 -28.78 -4.64 21.24
CA PRO J 46 -27.76 -5.51 21.85
C PRO J 46 -26.88 -6.29 20.88
N TRP J 47 -27.31 -6.52 19.65
CA TRP J 47 -26.53 -7.26 18.63
C TRP J 47 -26.28 -8.72 19.03
N PHE J 48 -26.71 -9.12 20.22
CA PHE J 48 -26.97 -10.52 20.56
C PHE J 48 -27.60 -10.61 21.95
N LYS K 2 -6.61 17.69 32.02
CA LYS K 2 -7.31 16.72 32.84
C LYS K 2 -6.42 15.52 33.14
N VAL K 3 -6.62 14.91 34.29
CA VAL K 3 -5.85 13.72 34.65
C VAL K 3 -6.82 12.57 34.82
N PRO K 4 -6.98 11.72 33.82
CA PRO K 4 -7.89 10.58 33.97
C PRO K 4 -7.18 9.38 34.56
N VAL K 5 -7.95 8.53 35.23
CA VAL K 5 -7.38 7.38 35.88
C VAL K 5 -7.00 6.34 34.85
N MET K 6 -5.79 5.81 34.94
CA MET K 6 -5.27 4.94 33.90
C MET K 6 -4.64 3.65 34.44
N MET K 7 -5.46 2.64 34.72
CA MET K 7 -5.11 1.23 34.52
C MET K 7 -3.62 0.92 34.59
N ALA K 8 -3.05 1.00 35.79
CA ALA K 8 -1.68 0.60 36.06
C ALA K 8 -0.67 1.62 35.53
N ASP K 9 -1.03 2.90 35.58
CA ASP K 9 -0.06 3.97 35.53
C ASP K 9 0.75 3.94 36.82
N GLU K 10 2.03 4.29 36.76
CA GLU K 10 2.75 4.55 38.00
C GLU K 10 3.10 6.03 37.96
N SER K 11 2.93 6.72 39.09
CA SER K 11 2.56 8.13 39.06
C SER K 11 3.74 9.08 39.12
N ILE K 12 4.93 8.67 38.66
CA ILE K 12 6.04 9.61 38.63
C ILE K 12 5.79 10.67 37.56
N ALA K 13 5.36 10.25 36.38
CA ALA K 13 5.03 11.17 35.30
C ALA K 13 3.51 11.38 35.28
N THR K 14 3.09 12.59 35.59
CA THR K 14 1.68 12.95 35.49
C THR K 14 1.38 13.40 34.06
N ILE K 15 0.16 13.15 33.63
CA ILE K 15 -0.15 13.25 32.21
C ILE K 15 -0.82 14.59 31.88
N ASN K 16 -2.01 14.83 32.43
CA ASN K 16 -2.68 16.13 32.31
C ASN K 16 -2.74 16.58 30.84
N HIS K 17 -3.50 15.83 30.07
CA HIS K 17 -3.04 15.94 28.70
C HIS K 17 -3.50 17.10 27.83
N PRO K 18 -4.77 17.54 27.86
CA PRO K 18 -5.16 18.63 26.95
C PRO K 18 -4.13 19.75 26.94
N GLU K 19 -3.50 19.97 28.08
CA GLU K 19 -2.36 20.87 28.20
C GLU K 19 -1.08 20.26 27.65
N ASP K 20 -0.87 18.96 27.86
CA ASP K 20 0.34 18.30 27.42
C ASP K 20 0.18 17.58 26.09
N ASP K 21 -0.64 18.14 25.19
CA ASP K 21 -0.47 17.85 23.77
C ASP K 21 0.84 18.57 23.42
N TRP K 22 1.13 18.79 22.15
CA TRP K 22 2.36 19.43 21.70
C TRP K 22 3.54 18.53 22.02
N LYS K 23 3.33 17.60 22.93
CA LYS K 23 4.36 16.69 23.39
C LYS K 23 4.39 15.44 22.55
N ILE K 24 3.29 15.14 21.87
CA ILE K 24 3.29 14.08 20.86
C ILE K 24 4.31 14.40 19.77
N TRP K 25 4.51 15.68 19.48
CA TRP K 25 5.50 16.06 18.47
C TRP K 25 6.92 15.91 18.95
N THR K 26 7.15 15.46 20.18
CA THR K 26 8.48 15.04 20.60
C THR K 26 8.75 13.58 20.26
N VAL K 27 7.73 12.85 19.82
CA VAL K 27 7.88 11.49 19.32
C VAL K 27 7.64 11.45 17.82
N ILE K 28 6.55 12.04 17.36
CA ILE K 28 6.21 12.06 15.94
C ILE K 28 6.87 13.27 15.30
N ASN K 29 7.82 13.02 14.41
CA ASN K 29 8.44 14.08 13.63
C ASN K 29 7.50 14.43 12.48
N PRO K 30 6.92 15.62 12.46
CA PRO K 30 5.96 15.94 11.40
C PRO K 30 6.58 16.11 10.02
N ALA K 31 7.90 16.24 9.93
CA ALA K 31 8.51 16.29 8.62
C ALA K 31 8.50 14.95 7.92
N THR K 32 8.48 13.86 8.68
CA THR K 32 8.41 12.54 8.08
C THR K 32 6.98 12.00 8.07
N TRP K 33 6.18 12.35 9.06
CA TRP K 33 4.78 12.02 9.05
C TRP K 33 3.98 13.22 8.60
N MET K 34 2.67 13.12 8.76
CA MET K 34 1.71 14.19 8.48
C MET K 34 1.39 14.39 7.01
N VAL K 35 2.24 13.95 6.10
CA VAL K 35 1.76 13.71 4.73
C VAL K 35 1.16 12.31 4.73
N PRO K 36 1.82 11.30 5.33
CA PRO K 36 1.11 10.04 5.57
C PRO K 36 -0.16 10.17 6.39
N PHE K 37 -0.16 11.03 7.41
CA PHE K 37 -1.39 11.23 8.17
C PHE K 37 -2.46 11.91 7.31
N PHE K 38 -2.04 12.84 6.45
CA PHE K 38 -3.01 13.43 5.53
C PHE K 38 -3.54 12.40 4.55
N GLY K 39 -2.72 11.42 4.16
CA GLY K 39 -3.22 10.34 3.34
C GLY K 39 -4.24 9.49 4.07
N ILE K 40 -4.02 9.25 5.35
CA ILE K 40 -5.02 8.58 6.18
C ILE K 40 -6.31 9.38 6.19
N LEU K 41 -6.20 10.71 6.35
CA LEU K 41 -7.39 11.55 6.36
C LEU K 41 -8.10 11.51 5.01
N PHE K 42 -7.35 11.44 3.92
CA PHE K 42 -7.94 11.30 2.59
C PHE K 42 -8.69 9.98 2.45
N VAL K 43 -8.14 8.89 2.98
CA VAL K 43 -8.83 7.61 2.94
C VAL K 43 -10.12 7.67 3.74
N GLN K 44 -10.06 8.27 4.93
CA GLN K 44 -11.26 8.47 5.73
C GLN K 44 -12.30 9.28 4.96
N MET K 45 -11.85 10.36 4.31
CA MET K 45 -12.73 11.19 3.50
C MET K 45 -13.42 10.37 2.41
N TRP K 46 -12.65 9.56 1.70
CA TRP K 46 -13.21 8.75 0.62
C TRP K 46 -14.22 7.73 1.16
N LEU K 47 -13.92 7.11 2.30
CA LEU K 47 -14.81 6.08 2.82
C LEU K 47 -16.11 6.68 3.34
N ILE K 48 -16.02 7.77 4.11
CA ILE K 48 -17.23 8.41 4.59
C ILE K 48 -18.03 8.96 3.41
N HIS K 49 -17.37 9.37 2.33
CA HIS K 49 -18.13 9.83 1.18
C HIS K 49 -18.82 8.70 0.46
N SER K 50 -18.15 7.55 0.27
CA SER K 50 -18.83 6.41 -0.32
C SER K 50 -20.08 6.06 0.47
N TYR K 51 -19.94 6.03 1.80
CA TYR K 51 -21.08 5.73 2.64
C TYR K 51 -22.19 6.77 2.48
N ALA K 52 -21.86 8.04 2.61
CA ALA K 52 -22.89 9.08 2.56
C ALA K 52 -23.57 9.15 1.20
N LEU K 53 -22.78 9.08 0.13
CA LEU K 53 -23.35 9.06 -1.22
C LEU K 53 -24.23 7.84 -1.45
N SER K 54 -23.98 6.74 -0.76
CA SER K 54 -24.88 5.60 -0.86
C SER K 54 -26.19 5.79 -0.10
N LEU K 55 -26.27 6.78 0.78
CA LEU K 55 -27.50 7.00 1.51
C LEU K 55 -28.53 7.72 0.64
N PRO K 56 -29.81 7.42 0.82
CA PRO K 56 -30.85 7.93 -0.11
C PRO K 56 -30.99 9.44 -0.01
N GLY K 57 -30.88 10.12 -1.15
CA GLY K 57 -31.07 11.53 -1.24
C GLY K 57 -29.79 12.34 -1.39
N TYR K 58 -28.66 11.79 -0.98
CA TYR K 58 -27.41 12.53 -1.04
C TYR K 58 -26.67 12.25 -2.33
N GLY K 59 -25.87 13.21 -2.75
CA GLY K 59 -25.16 13.01 -3.99
C GLY K 59 -26.05 13.23 -5.19
N PHE K 60 -25.66 12.62 -6.31
CA PHE K 60 -26.27 12.92 -7.60
C PHE K 60 -26.75 11.67 -8.32
N LYS K 61 -26.98 10.57 -7.60
CA LYS K 61 -27.41 9.36 -8.26
C LYS K 61 -28.84 9.44 -8.77
N ASP K 62 -29.67 10.32 -8.21
CA ASP K 62 -31.07 10.44 -8.62
C ASP K 62 -31.41 11.84 -9.12
N SER K 63 -30.41 12.66 -9.46
CA SER K 63 -30.66 14.05 -9.78
C SER K 63 -29.91 14.51 -11.02
N VAL K 64 -29.50 13.59 -11.89
CA VAL K 64 -28.56 13.94 -12.95
C VAL K 64 -29.17 14.96 -13.89
N ARG K 65 -30.44 14.81 -14.23
CA ARG K 65 -31.15 15.81 -15.02
C ARG K 65 -32.39 16.25 -14.25
N VAL K 66 -32.32 17.45 -13.67
CA VAL K 66 -33.43 18.00 -12.90
C VAL K 66 -33.97 19.24 -13.59
N ALA K 67 -33.12 20.26 -13.73
CA ALA K 67 -33.57 21.54 -14.26
C ALA K 67 -32.39 22.41 -14.67
N GLN K 68 -32.66 23.67 -15.00
CA GLN K 68 -31.67 24.65 -15.42
C GLN K 68 -30.54 24.07 -16.30
N PRO K 69 -30.89 23.32 -17.34
CA PRO K 69 -29.85 22.63 -18.12
C PRO K 69 -29.10 23.59 -19.03
N ALA K 70 -28.05 23.05 -19.64
CA ALA K 70 -27.25 23.82 -20.59
C ALA K 70 -26.90 22.99 -21.82
N ALA L 5 15.67 16.69 25.77
CA ALA L 5 16.86 15.88 26.00
C ALA L 5 16.98 14.78 24.95
N ALA L 6 17.31 15.17 23.72
CA ALA L 6 17.36 14.26 22.58
C ALA L 6 16.03 13.52 22.42
N ASN L 7 15.00 14.30 22.11
CA ASN L 7 13.67 13.76 21.89
C ASN L 7 13.68 12.76 20.75
N LEU L 8 12.72 11.82 20.79
CA LEU L 8 12.68 10.74 19.81
C LEU L 8 12.39 11.24 18.40
N SER L 9 11.59 12.30 18.27
CA SER L 9 11.31 12.85 16.96
C SER L 9 12.45 13.68 16.40
N GLY L 10 13.46 14.02 17.21
CA GLY L 10 14.48 14.95 16.80
C GLY L 10 14.06 16.40 16.87
N LEU L 11 12.90 16.70 17.43
CA LEU L 11 12.44 18.06 17.63
C LEU L 11 12.74 18.51 19.04
N THR L 12 13.11 19.78 19.19
CA THR L 12 13.20 20.35 20.52
C THR L 12 11.81 20.64 21.06
N ASP L 13 11.74 20.93 22.36
CA ASP L 13 10.46 21.27 22.96
C ASP L 13 9.89 22.54 22.37
N ALA L 14 10.74 23.51 22.04
CA ALA L 14 10.27 24.75 21.43
C ALA L 14 9.73 24.50 20.04
N GLN L 15 10.46 23.73 19.23
CA GLN L 15 9.98 23.32 17.93
C GLN L 15 8.65 22.59 18.03
N ALA L 16 8.53 21.69 19.01
CA ALA L 16 7.30 20.94 19.20
C ALA L 16 6.13 21.86 19.52
N LYS L 17 6.34 22.85 20.40
CA LYS L 17 5.24 23.75 20.76
C LYS L 17 4.84 24.64 19.60
N GLU L 18 5.81 25.16 18.84
CA GLU L 18 5.49 25.98 17.67
C GLU L 18 4.72 25.16 16.63
N PHE L 19 5.20 23.95 16.36
CA PHE L 19 4.47 23.10 15.42
C PHE L 19 3.07 22.84 15.91
N HIS L 20 2.90 22.61 17.21
CA HIS L 20 1.58 22.32 17.72
C HIS L 20 0.64 23.49 17.55
N GLU L 21 1.15 24.71 17.66
CA GLU L 21 0.33 25.87 17.32
C GLU L 21 -0.18 25.76 15.88
N HIS L 22 0.72 25.48 14.94
CA HIS L 22 0.28 25.34 13.55
C HIS L 22 -0.71 24.19 13.38
N TRP L 23 -0.47 23.08 14.07
CA TRP L 23 -1.32 21.90 13.94
C TRP L 23 -2.70 22.16 14.48
N LYS L 24 -2.79 22.86 15.61
CA LYS L 24 -4.08 23.22 16.17
C LYS L 24 -4.83 24.13 15.23
N HIS L 25 -4.12 25.05 14.56
CA HIS L 25 -4.78 25.87 13.56
C HIS L 25 -5.40 25.00 12.47
N GLY L 26 -4.63 24.06 11.93
CA GLY L 26 -5.16 23.18 10.90
C GLY L 26 -6.35 22.36 11.38
N VAL L 27 -6.23 21.77 12.56
CA VAL L 27 -7.29 20.95 13.11
C VAL L 27 -8.57 21.75 13.27
N TRP L 28 -8.46 22.96 13.83
CA TRP L 28 -9.66 23.74 14.10
C TRP L 28 -10.28 24.25 12.81
N SER L 29 -9.46 24.64 11.83
CA SER L 29 -10.03 25.03 10.54
C SER L 29 -10.83 23.89 9.94
N TRP L 30 -10.24 22.69 9.93
CA TRP L 30 -10.92 21.53 9.39
C TRP L 30 -12.21 21.24 10.14
N VAL L 31 -12.16 21.33 11.47
CA VAL L 31 -13.34 21.04 12.28
C VAL L 31 -14.45 22.03 11.99
N MET L 32 -14.11 23.33 11.91
CA MET L 32 -15.13 24.35 11.72
C MET L 32 -15.77 24.25 10.34
N ILE L 33 -14.96 24.04 9.30
CA ILE L 33 -15.54 23.89 7.97
C ILE L 33 -16.41 22.64 7.90
N ALA L 34 -15.96 21.54 8.49
CA ALA L 34 -16.78 20.33 8.51
C ALA L 34 -18.09 20.57 9.25
N SER L 35 -18.06 21.34 10.34
CA SER L 35 -19.28 21.63 11.08
C SER L 35 -20.25 22.44 10.24
N ALA L 36 -19.74 23.44 9.52
CA ALA L 36 -20.60 24.21 8.64
C ALA L 36 -21.25 23.33 7.58
N VAL L 37 -20.45 22.49 6.91
CA VAL L 37 -21.00 21.63 5.87
C VAL L 37 -22.00 20.64 6.46
N HIS L 38 -21.78 20.21 7.70
CA HIS L 38 -22.73 19.30 8.35
C HIS L 38 -24.04 20.00 8.62
N VAL L 39 -23.99 21.24 9.12
CA VAL L 39 -25.22 21.99 9.36
C VAL L 39 -26.00 22.14 8.06
N VAL L 40 -25.29 22.46 6.97
CA VAL L 40 -25.95 22.61 5.69
C VAL L 40 -26.58 21.30 5.23
N THR L 41 -25.84 20.19 5.38
CA THR L 41 -26.35 18.89 4.98
C THR L 41 -27.56 18.49 5.81
N TRP L 42 -27.53 18.78 7.11
CA TRP L 42 -28.65 18.46 7.98
C TRP L 42 -29.89 19.25 7.61
N ILE L 43 -29.70 20.55 7.32
CA ILE L 43 -30.79 21.37 6.83
C ILE L 43 -31.38 20.75 5.57
N TYR L 44 -30.51 20.34 4.63
CA TYR L 44 -31.00 19.69 3.43
C TYR L 44 -31.71 18.38 3.75
N GLN L 45 -31.10 17.55 4.60
CA GLN L 45 -31.68 16.26 4.97
C GLN L 45 -31.03 15.76 6.26
N PRO L 46 -31.82 15.41 7.28
CA PRO L 46 -31.24 15.19 8.62
C PRO L 46 -30.50 13.88 8.81
N TRP L 47 -30.77 12.84 8.02
CA TRP L 47 -30.11 11.54 8.13
C TRP L 47 -30.39 10.84 9.46
N PHE L 48 -31.11 11.50 10.36
CA PHE L 48 -31.83 10.85 11.46
C PHE L 48 -32.67 11.88 12.21
N LYS M 2 -5.85 36.06 6.60
CA LYS M 2 -6.94 36.07 7.58
C LYS M 2 -6.52 35.43 8.88
N VAL M 3 -7.07 35.89 10.00
CA VAL M 3 -6.77 35.29 11.28
C VAL M 3 -8.07 34.73 11.85
N PRO M 4 -8.32 33.44 11.73
CA PRO M 4 -9.54 32.88 12.29
C PRO M 4 -9.33 32.44 13.73
N VAL M 5 -10.42 32.45 14.49
CA VAL M 5 -10.35 32.11 15.90
C VAL M 5 -10.14 30.61 16.04
N MET M 6 -9.19 30.21 16.88
CA MET M 6 -8.79 28.81 16.95
C MET M 6 -8.68 28.31 18.39
N MET M 7 -9.79 27.91 18.99
CA MET M 7 -9.87 26.79 19.94
C MET M 7 -8.58 26.50 20.68
N ALA M 8 -8.21 27.39 21.60
CA ALA M 8 -7.08 27.19 22.50
C ALA M 8 -5.74 27.39 21.81
N ASP M 9 -5.70 28.30 20.84
CA ASP M 9 -4.45 28.90 20.41
C ASP M 9 -3.90 29.76 21.54
N GLU M 10 -2.59 29.84 21.69
CA GLU M 10 -2.02 30.85 22.56
C GLU M 10 -1.24 31.78 21.63
N SER M 11 -1.37 33.08 21.85
CA SER M 11 -1.29 34.04 20.76
C SER M 11 0.11 34.62 20.54
N ILE M 12 1.16 33.89 20.92
CA ILE M 12 2.51 34.39 20.62
C ILE M 12 2.76 34.34 19.13
N ALA M 13 2.41 33.22 18.49
CA ALA M 13 2.55 33.07 17.05
C ALA M 13 1.21 33.34 16.40
N THR M 14 1.13 34.42 15.63
CA THR M 14 -0.07 34.71 14.85
C THR M 14 0.01 33.98 13.52
N ILE M 15 -1.14 33.59 13.00
CA ILE M 15 -1.18 32.64 11.89
C ILE M 15 -1.34 33.36 10.56
N ASN M 16 -2.47 34.04 10.35
CA ASN M 16 -2.68 34.87 9.16
C ASN M 16 -2.38 34.10 7.89
N HIS M 17 -3.19 33.10 7.63
CA HIS M 17 -2.51 32.12 6.82
C HIS M 17 -2.45 32.29 5.31
N PRO M 18 -3.52 32.71 4.60
CA PRO M 18 -3.40 32.82 3.14
C PRO M 18 -2.09 33.44 2.71
N GLU M 19 -1.61 34.38 3.53
CA GLU M 19 -0.29 34.97 3.35
C GLU M 19 0.82 34.04 3.84
N ASP M 20 0.58 33.32 4.93
CA ASP M 20 1.60 32.43 5.49
C ASP M 20 1.42 30.98 5.06
N ASP M 21 0.97 30.76 3.82
CA ASP M 21 1.28 29.51 3.15
C ASP M 21 2.77 29.60 2.86
N TRP M 22 3.31 28.78 1.98
CA TRP M 22 4.75 28.77 1.65
C TRP M 22 5.52 28.29 2.86
N LYS M 23 4.89 28.36 4.02
CA LYS M 23 5.51 28.01 5.27
C LYS M 23 5.29 26.55 5.60
N ILE M 24 4.28 25.93 4.99
CA ILE M 24 4.12 24.49 5.05
C ILE M 24 5.34 23.80 4.46
N TRP M 25 5.97 24.43 3.47
CA TRP M 25 7.17 23.85 2.87
C TRP M 25 8.39 23.97 3.76
N THR M 26 8.27 24.55 4.94
CA THR M 26 9.32 24.46 5.95
C THR M 26 9.18 23.22 6.80
N VAL M 27 8.07 22.51 6.68
CA VAL M 27 7.88 21.21 7.32
C VAL M 27 7.88 20.09 6.29
N ILE M 28 7.12 20.25 5.22
CA ILE M 28 7.02 19.25 4.17
C ILE M 28 8.12 19.52 3.16
N ASN M 29 9.07 18.60 3.05
CA ASN M 29 10.10 18.68 2.02
C ASN M 29 9.50 18.15 0.73
N PRO M 30 9.33 18.98 -0.30
CA PRO M 30 8.69 18.50 -1.53
C PRO M 30 9.56 17.54 -2.33
N ALA M 31 10.84 17.43 -2.05
CA ALA M 31 11.65 16.45 -2.74
C ALA M 31 11.33 15.03 -2.28
N THR M 32 10.87 14.87 -1.06
CA THR M 32 10.48 13.55 -0.57
C THR M 32 8.98 13.31 -0.68
N TRP M 33 8.17 14.35 -0.54
CA TRP M 33 6.76 14.25 -0.78
C TRP M 33 6.45 14.79 -2.17
N MET M 34 5.17 14.97 -2.43
CA MET M 34 4.63 15.56 -3.65
C MET M 34 4.63 14.64 -4.86
N VAL M 35 5.43 13.59 -4.88
CA VAL M 35 5.13 12.47 -5.75
C VAL M 35 4.15 11.58 -5.00
N PRO M 36 4.35 11.29 -3.71
CA PRO M 36 3.27 10.69 -2.93
C PRO M 36 1.99 11.50 -2.91
N PHE M 37 2.08 12.83 -2.82
CA PHE M 37 0.87 13.64 -2.88
C PHE M 37 0.22 13.55 -4.24
N PHE M 38 1.02 13.50 -5.31
CA PHE M 38 0.44 13.30 -6.63
C PHE M 38 -0.21 11.94 -6.75
N GLY M 39 0.32 10.93 -6.07
CA GLY M 39 -0.35 9.64 -6.03
C GLY M 39 -1.69 9.70 -5.33
N ILE M 40 -1.75 10.47 -4.23
CA ILE M 40 -3.03 10.73 -3.57
C ILE M 40 -4.00 11.40 -4.54
N LEU M 41 -3.53 12.39 -5.30
CA LEU M 41 -4.38 13.06 -6.27
C LEU M 41 -4.84 12.10 -7.36
N PHE M 42 -3.98 11.18 -7.78
CA PHE M 42 -4.37 10.16 -8.74
C PHE M 42 -5.46 9.25 -8.19
N VAL M 43 -5.35 8.86 -6.91
CA VAL M 43 -6.38 8.04 -6.30
C VAL M 43 -7.71 8.79 -6.24
N GLN M 44 -7.65 10.06 -5.86
CA GLN M 44 -8.85 10.90 -5.87
C GLN M 44 -9.46 10.96 -7.26
N MET M 45 -8.61 11.16 -8.26
CA MET M 45 -9.05 11.20 -9.65
C MET M 45 -9.77 9.91 -10.04
N TRP M 46 -9.18 8.76 -9.70
CA TRP M 46 -9.79 7.48 -10.04
C TRP M 46 -11.13 7.30 -9.33
N LEU M 47 -11.22 7.70 -8.06
CA LEU M 47 -12.45 7.48 -7.31
C LEU M 47 -13.57 8.38 -7.81
N ILE M 48 -13.28 9.66 -8.03
CA ILE M 48 -14.29 10.55 -8.56
C ILE M 48 -14.69 10.13 -9.97
N HIS M 49 -13.77 9.54 -10.73
CA HIS M 49 -14.15 9.06 -12.05
C HIS M 49 -15.04 7.83 -11.98
N SER M 50 -14.73 6.87 -11.11
CA SER M 50 -15.63 5.73 -10.93
C SER M 50 -17.03 6.21 -10.59
N TYR M 51 -17.12 7.15 -9.66
CA TYR M 51 -18.42 7.68 -9.28
C TYR M 51 -19.12 8.36 -10.46
N ALA M 52 -18.44 9.27 -11.13
CA ALA M 52 -19.08 10.03 -12.21
C ALA M 52 -19.48 9.12 -13.36
N LEU M 53 -18.59 8.21 -13.76
CA LEU M 53 -18.92 7.27 -14.82
C LEU M 53 -20.08 6.35 -14.44
N SER M 54 -20.29 6.11 -13.15
CA SER M 54 -21.47 5.35 -12.74
C SER M 54 -22.76 6.16 -12.81
N LEU M 55 -22.68 7.48 -12.93
CA LEU M 55 -23.88 8.29 -13.01
C LEU M 55 -24.49 8.21 -14.41
N PRO M 56 -25.82 8.26 -14.52
CA PRO M 56 -26.47 8.01 -15.81
C PRO M 56 -26.17 9.10 -16.82
N GLY M 57 -25.68 8.69 -17.99
CA GLY M 57 -25.41 9.60 -19.07
C GLY M 57 -23.94 9.91 -19.29
N TYR M 58 -23.11 9.74 -18.28
CA TYR M 58 -21.70 10.07 -18.40
C TYR M 58 -20.89 8.86 -18.81
N GLY M 59 -19.77 9.12 -19.49
CA GLY M 59 -18.97 8.01 -19.93
C GLY M 59 -19.56 7.35 -21.15
N PHE M 60 -19.20 6.08 -21.34
CA PHE M 60 -19.47 5.38 -22.58
C PHE M 60 -20.19 4.06 -22.37
N LYS M 61 -20.85 3.88 -21.23
CA LYS M 61 -21.52 2.61 -20.98
C LYS M 61 -22.75 2.42 -21.85
N ASP M 62 -23.35 3.50 -22.35
CA ASP M 62 -24.56 3.42 -23.17
C ASP M 62 -24.37 4.00 -24.55
N SER M 63 -23.14 4.21 -24.99
CA SER M 63 -22.89 4.92 -26.24
C SER M 63 -21.85 4.24 -27.11
N VAL M 64 -21.61 2.95 -26.92
CA VAL M 64 -20.45 2.31 -27.54
C VAL M 64 -20.56 2.35 -29.06
N ARG M 65 -21.75 2.11 -29.59
CA ARG M 65 -21.99 2.26 -31.02
C ARG M 65 -23.14 3.24 -31.24
N VAL M 66 -22.80 4.46 -31.64
CA VAL M 66 -23.79 5.51 -31.88
C VAL M 66 -23.81 5.87 -33.35
N ALA M 67 -22.69 6.37 -33.86
CA ALA M 67 -22.63 6.87 -35.23
C ALA M 67 -21.19 7.05 -35.69
N GLN M 68 -21.01 7.67 -36.85
CA GLN M 68 -19.71 7.92 -37.47
C GLN M 68 -18.70 6.78 -37.27
N PRO M 69 -19.08 5.54 -37.57
CA PRO M 69 -18.20 4.42 -37.26
C PRO M 69 -17.05 4.31 -38.25
N ALA M 70 -16.13 3.40 -37.95
CA ALA M 70 -15.00 3.14 -38.82
C ALA M 70 -14.72 1.65 -38.94
N ALA N 5 15.73 28.78 10.58
CA ALA N 5 16.55 28.31 11.68
C ALA N 5 16.49 26.79 11.79
N ALA N 6 17.13 26.11 10.84
CA ALA N 6 17.08 24.64 10.74
C ALA N 6 15.63 24.16 10.69
N ASN N 7 14.96 24.54 9.61
CA ASN N 7 13.57 24.14 9.39
C ASN N 7 13.45 22.63 9.34
N LEU N 8 12.26 22.13 9.68
CA LEU N 8 12.04 20.69 9.77
C LEU N 8 12.15 20.00 8.42
N SER N 9 11.76 20.67 7.34
CA SER N 9 11.87 20.09 6.01
C SER N 9 13.29 20.12 5.48
N GLY N 10 14.20 20.85 6.11
CA GLY N 10 15.51 21.06 5.55
C GLY N 10 15.56 22.12 4.47
N LEU N 11 14.47 22.83 4.23
CA LEU N 11 14.43 23.93 3.27
C LEU N 11 14.63 25.26 3.99
N THR N 12 15.33 26.17 3.33
CA THR N 12 15.40 27.53 3.84
C THR N 12 14.10 28.26 3.52
N ASP N 13 13.91 29.41 4.16
CA ASP N 13 12.72 30.20 3.88
C ASP N 13 12.67 30.65 2.42
N ALA N 14 13.83 30.97 1.84
CA ALA N 14 13.85 31.39 0.45
C ALA N 14 13.50 30.23 -0.47
N GLN N 15 14.08 29.06 -0.21
CA GLN N 15 13.71 27.86 -0.95
C GLN N 15 12.21 27.58 -0.83
N ALA N 16 11.67 27.72 0.38
CA ALA N 16 10.25 27.47 0.60
C ALA N 16 9.39 28.43 -0.21
N LYS N 17 9.74 29.72 -0.25
CA LYS N 17 8.95 30.69 -1.00
C LYS N 17 9.02 30.45 -2.50
N GLU N 18 10.22 30.14 -3.01
CA GLU N 18 10.37 29.84 -4.43
C GLU N 18 9.55 28.59 -4.81
N PHE N 19 9.67 27.55 -4.00
CA PHE N 19 8.88 26.35 -4.28
C PHE N 19 7.40 26.67 -4.25
N HIS N 20 6.97 27.50 -3.30
CA HIS N 20 5.55 27.81 -3.22
C HIS N 20 5.07 28.54 -4.45
N GLU N 21 5.91 29.39 -5.05
CA GLU N 21 5.55 29.98 -6.33
C GLU N 21 5.27 28.88 -7.36
N HIS N 22 6.17 27.92 -7.47
CA HIS N 22 5.94 26.83 -8.43
C HIS N 22 4.69 26.02 -8.08
N TRP N 23 4.45 25.78 -6.80
CA TRP N 23 3.32 24.99 -6.37
C TRP N 23 2.00 25.69 -6.65
N LYS N 24 1.97 27.00 -6.43
CA LYS N 24 0.78 27.77 -6.74
C LYS N 24 0.51 27.74 -8.23
N HIS N 25 1.57 27.79 -9.05
CA HIS N 25 1.36 27.64 -10.48
C HIS N 25 0.68 26.32 -10.81
N GLY N 26 1.20 25.23 -10.25
CA GLY N 26 0.60 23.92 -10.50
C GLY N 26 -0.85 23.84 -10.03
N VAL N 27 -1.11 24.33 -8.81
CA VAL N 27 -2.45 24.29 -8.26
C VAL N 27 -3.42 25.06 -9.13
N TRP N 28 -3.03 26.26 -9.55
CA TRP N 28 -3.97 27.08 -10.32
C TRP N 28 -4.18 26.52 -11.71
N SER N 29 -3.14 25.98 -12.34
CA SER N 29 -3.34 25.34 -13.63
C SER N 29 -4.35 24.19 -13.51
N TRP N 30 -4.16 23.34 -12.50
CA TRP N 30 -5.07 22.22 -12.29
C TRP N 30 -6.49 22.71 -12.04
N VAL N 31 -6.63 23.76 -11.22
CA VAL N 31 -7.95 24.28 -10.89
C VAL N 31 -8.64 24.83 -12.14
N MET N 32 -7.91 25.60 -12.95
CA MET N 32 -8.52 26.22 -14.12
C MET N 32 -8.94 25.19 -15.16
N ILE N 33 -8.07 24.20 -15.41
CA ILE N 33 -8.44 23.16 -16.37
C ILE N 33 -9.64 22.36 -15.87
N ALA N 34 -9.65 22.04 -14.57
CA ALA N 34 -10.80 21.33 -14.01
C ALA N 34 -12.07 22.15 -14.14
N SER N 35 -11.98 23.46 -13.94
CA SER N 35 -13.15 24.32 -14.07
C SER N 35 -13.68 24.33 -15.49
N ALA N 36 -12.77 24.40 -16.47
CA ALA N 36 -13.19 24.34 -17.86
C ALA N 36 -13.91 23.03 -18.16
N VAL N 37 -13.31 21.90 -17.75
CA VAL N 37 -13.92 20.61 -18.03
C VAL N 37 -15.26 20.48 -17.31
N HIS N 38 -15.39 21.09 -16.13
CA HIS N 38 -16.66 21.06 -15.42
C HIS N 38 -17.73 21.86 -16.16
N VAL N 39 -17.37 23.04 -16.66
CA VAL N 39 -18.33 23.83 -17.43
C VAL N 39 -18.81 23.03 -18.64
N VAL N 40 -17.87 22.37 -19.32
CA VAL N 40 -18.24 21.57 -20.49
C VAL N 40 -19.16 20.42 -20.10
N THR N 41 -18.83 19.74 -18.99
CA THR N 41 -19.65 18.62 -18.53
C THR N 41 -21.04 19.09 -18.13
N TRP N 42 -21.14 20.24 -17.48
CA TRP N 42 -22.42 20.77 -17.06
C TRP N 42 -23.27 21.15 -18.27
N ILE N 43 -22.65 21.77 -19.27
CA ILE N 43 -23.34 22.04 -20.53
C ILE N 43 -23.89 20.74 -21.12
N TYR N 44 -23.05 19.70 -21.15
CA TYR N 44 -23.51 18.42 -21.65
C TYR N 44 -24.62 17.85 -20.78
N GLN N 45 -24.46 17.89 -19.46
CA GLN N 45 -25.46 17.36 -18.53
C GLN N 45 -25.21 17.94 -17.14
N PRO N 46 -26.22 18.52 -16.50
CA PRO N 46 -25.95 19.32 -15.30
C PRO N 46 -25.69 18.53 -14.02
N TRP N 47 -26.15 17.28 -13.91
CA TRP N 47 -25.95 16.43 -12.73
C TRP N 47 -26.65 16.99 -11.49
N PHE N 48 -27.25 18.18 -11.59
CA PHE N 48 -28.32 18.62 -10.69
C PHE N 48 -28.90 19.93 -11.18
#